data_7SUM
#
_entry.id   7SUM
#
_cell.length_a   65.255
_cell.length_b   116.589
_cell.length_c   124.156
_cell.angle_alpha   90.00
_cell.angle_beta   90.00
_cell.angle_gamma   90.00
#
_symmetry.space_group_name_H-M   'P 21 21 21'
#
loop_
_entity.id
_entity.type
_entity.pdbx_description
1 polymer 'DNA ligase 1'
2 polymer "DNA(5'-*GP*CP*TP*GP*AP*TP*GP*CP*GP*TP*A-3')"
3 polymer "DNA(5'-P*GP*TP*CP*GP*GP*AP*C-3')"
4 polymer "DNA(5'-*GP*TP*CP*CP*GP*AP*CP*TP*AP*CP*GP*CP*AP*TP*CP*AP*GP*C-3')"
5 non-polymer 'ADENOSINE MONOPHOSPHATE'
6 water water
#
loop_
_entity_poly.entity_id
_entity_poly.type
_entity_poly.pdbx_seq_one_letter_code
_entity_poly.pdbx_strand_id
1 'polypeptide(L)'
;LDPSGYNPAKNNYHPVEDACWKPGQKVPYLAVARTFEKIEEVSARLRMVETLSNLLRSVVALSPPDLLPVLYLSLNHLGP
PQQGLALGVGDGVLLKAVAQATGRQLESVRAEAAEKGDVGLVAENSRSTQRLMLPPPPLTASGVFSKFRDIARLTGSAST
AKKIDIIKGLFVACRHSEARFIARSLSGRLRLGLAEQSVLAALSQAVSLTPPGQEFPPAMVDAGKGKTAEARKTWLEEQG
MILKQTFCEVPDLDRIIPVLLEHGLERLPEHCKLSPGIPLKPMLAHPTRGISEVLKRFEEAAFTCEYKYDGQRAQIHALE
GGEVKIFSRNQADNTGKYPDIISRIPKIKLPSVTSFILDTEAVAWDREKKQIQPFQVLTTRKRKEVDASEIQVQVCLYAF
DLIYLNGESLVREPLSRRRQLLRENFVETEGEFVFATSLDTKDIEQIAEFLEQSVKDSCEGLMVKTLDVDATYEIAKRSH
NWLKLKKDYLDGVGDTLDLVVIGAYLGRGKRAGRYGGFLLASYDEDSEELQAICKLGTGFSDEELEEHHQSLKALVLPSP
RPYVRIDGAVIPDHWLDPSAVWEVKCADLSLSPIYPAARGLVDSDKGISLRFPRFIRVREDKQPEQATTSAQVACLYRKQ
SQIQNQQGEDSGSDPEDT
;
A
2 'polydeoxyribonucleotide' (DG)(DC)(DT)(DG)(DA)(DT)(DG)(DC)(DG)(DT)(DA) B
3 'polydeoxyribonucleotide' (DG)(DT)(DC)(DG)(DG)(DA)(DC) C
4 'polydeoxyribonucleotide' (DG)(DT)(DC)(DC)(DG)(DA)(DC)(DT)(DA)(DC)(DG)(DC)(DA)(DT)(DC)(DA)(DG)(DC) D
#
loop_
_chem_comp.id
_chem_comp.type
_chem_comp.name
_chem_comp.formula
AMP non-polymer 'ADENOSINE MONOPHOSPHATE' 'C10 H14 N5 O7 P'
DA DNA linking 2'-DEOXYADENOSINE-5'-MONOPHOSPHATE 'C10 H14 N5 O6 P'
DC DNA linking 2'-DEOXYCYTIDINE-5'-MONOPHOSPHATE 'C9 H14 N3 O7 P'
DG DNA linking 2'-DEOXYGUANOSINE-5'-MONOPHOSPHATE 'C10 H14 N5 O7 P'
DT DNA linking THYMIDINE-5'-MONOPHOSPHATE 'C10 H15 N2 O8 P'
#
# COMPACT_ATOMS: atom_id res chain seq x y z
N ASP A 2 -16.28 25.90 22.06
CA ASP A 2 -16.30 26.06 20.62
C ASP A 2 -15.25 25.11 20.04
N PRO A 3 -15.61 24.30 19.04
CA PRO A 3 -14.64 23.31 18.52
C PRO A 3 -13.35 23.91 18.00
N SER A 4 -13.39 25.09 17.37
CA SER A 4 -12.14 25.67 16.85
CA SER A 4 -12.15 25.70 16.86
C SER A 4 -11.10 25.86 17.94
N GLY A 5 -11.53 25.92 19.22
CA GLY A 5 -10.56 25.97 20.31
C GLY A 5 -9.89 24.64 20.62
N TYR A 6 -10.49 23.54 20.17
CA TYR A 6 -10.12 22.20 20.62
C TYR A 6 -8.62 22.02 20.62
N ASN A 7 -8.10 21.42 21.68
CA ASN A 7 -6.70 21.02 21.72
C ASN A 7 -6.58 19.63 22.30
N PRO A 8 -6.62 18.59 21.46
CA PRO A 8 -6.36 17.23 21.93
C PRO A 8 -4.89 16.94 22.15
N ALA A 9 -4.01 17.92 21.95
CA ALA A 9 -2.60 17.79 22.28
C ALA A 9 -2.26 18.32 23.67
N LYS A 10 -3.18 19.06 24.27
CA LYS A 10 -3.07 19.61 25.63
C LYS A 10 -2.54 18.74 26.75
N ASN A 11 -1.63 19.31 27.53
CA ASN A 11 -0.97 18.60 28.61
C ASN A 11 -1.99 18.16 29.66
N ASN A 12 -1.85 16.92 30.15
CA ASN A 12 -2.79 16.32 31.11
C ASN A 12 -4.22 16.45 30.59
N TYR A 13 -4.51 15.67 29.54
CA TYR A 13 -5.75 15.86 28.77
C TYR A 13 -6.92 15.09 29.41
N HIS A 14 -8.04 15.79 29.56
CA HIS A 14 -9.21 15.21 30.22
C HIS A 14 -10.37 14.96 29.26
N PRO A 15 -10.66 13.73 28.97
CA PRO A 15 -11.74 13.35 28.07
C PRO A 15 -13.02 14.17 28.19
N VAL A 16 -13.65 14.19 29.35
CA VAL A 16 -14.95 14.87 29.44
C VAL A 16 -14.79 16.38 29.54
N GLU A 17 -13.78 16.87 30.25
CA GLU A 17 -13.77 18.32 30.44
C GLU A 17 -13.25 19.01 29.21
N ASP A 18 -12.28 18.39 28.54
CA ASP A 18 -11.55 19.01 27.44
C ASP A 18 -12.16 18.71 26.09
N ALA A 19 -13.24 17.93 26.04
CA ALA A 19 -13.99 17.73 24.81
C ALA A 19 -14.54 19.05 24.30
N CYS A 20 -15.23 18.97 23.15
CA CYS A 20 -15.91 20.12 22.57
C CYS A 20 -17.28 19.73 22.03
N TRP A 21 -17.89 18.69 22.61
CA TRP A 21 -19.27 18.31 22.34
C TRP A 21 -19.91 17.66 23.58
N LYS A 22 -21.20 17.95 23.79
CA LYS A 22 -21.90 17.37 24.92
C LYS A 22 -22.10 15.87 24.72
N PRO A 23 -22.10 15.07 25.80
CA PRO A 23 -22.26 13.62 25.65
C PRO A 23 -23.55 13.26 24.91
N GLY A 24 -23.56 12.04 24.36
CA GLY A 24 -24.63 11.58 23.50
C GLY A 24 -24.98 12.46 22.31
N GLN A 25 -24.24 13.55 22.09
CA GLN A 25 -24.23 14.27 20.83
C GLN A 25 -23.39 13.50 19.81
N LYS A 26 -23.43 13.96 18.55
CA LYS A 26 -22.57 13.42 17.51
C LYS A 26 -21.22 14.10 17.52
N VAL A 27 -20.15 13.33 17.31
CA VAL A 27 -18.81 13.97 17.27
C VAL A 27 -18.78 14.96 16.12
N PRO A 28 -18.26 16.19 16.32
CA PRO A 28 -18.16 17.13 15.19
C PRO A 28 -16.89 16.92 14.38
N TYR A 29 -17.00 17.10 13.06
CA TYR A 29 -15.83 16.95 12.18
C TYR A 29 -14.69 17.90 12.53
N LEU A 30 -14.99 19.15 12.95
CA LEU A 30 -13.94 20.09 13.31
C LEU A 30 -13.04 19.54 14.43
N ALA A 31 -13.62 18.80 15.38
CA ALA A 31 -12.81 18.02 16.29
C ALA A 31 -11.83 17.11 15.53
N VAL A 32 -12.30 16.42 14.50
CA VAL A 32 -11.39 15.49 13.84
C VAL A 32 -10.31 16.28 13.11
N ALA A 33 -10.68 17.46 12.56
CA ALA A 33 -9.72 18.27 11.81
C ALA A 33 -8.66 18.83 12.74
N ARG A 34 -9.08 19.25 13.94
CA ARG A 34 -8.13 19.83 14.88
C ARG A 34 -7.19 18.76 15.39
N THR A 35 -7.69 17.57 15.69
CA THR A 35 -6.78 16.49 16.00
C THR A 35 -5.80 16.25 14.85
N PHE A 36 -6.27 16.40 13.60
CA PHE A 36 -5.34 16.21 12.49
C PHE A 36 -4.27 17.29 12.48
N GLU A 37 -4.66 18.57 12.68
CA GLU A 37 -3.69 19.68 12.70
C GLU A 37 -2.56 19.43 13.70
N LYS A 38 -2.89 18.91 14.88
CA LYS A 38 -1.85 18.68 15.86
C LYS A 38 -0.99 17.48 15.45
N ILE A 39 -1.59 16.49 14.79
CA ILE A 39 -0.82 15.31 14.43
C ILE A 39 0.21 15.67 13.35
N GLU A 40 -0.19 16.43 12.34
CA GLU A 40 0.76 16.74 11.28
C GLU A 40 1.81 17.74 11.74
N GLU A 41 1.51 18.53 12.78
CA GLU A 41 2.44 19.54 13.31
C GLU A 41 3.69 18.94 13.94
N VAL A 42 3.67 17.67 14.35
CA VAL A 42 4.80 17.07 15.08
C VAL A 42 5.33 15.89 14.28
N SER A 43 6.52 15.43 14.64
CA SER A 43 7.20 14.41 13.87
C SER A 43 7.47 13.14 14.65
N ALA A 44 7.16 13.09 15.95
CA ALA A 44 7.39 11.86 16.71
C ALA A 44 6.11 11.03 16.70
N ARG A 45 6.23 9.74 16.36
CA ARG A 45 5.02 8.90 16.35
C ARG A 45 4.40 8.79 17.73
N LEU A 46 5.23 8.79 18.79
CA LEU A 46 4.70 8.70 20.15
C LEU A 46 3.77 9.86 20.48
N ARG A 47 4.17 11.10 20.14
CA ARG A 47 3.31 12.26 20.34
C ARG A 47 2.05 12.15 19.49
N MET A 48 2.21 11.74 18.23
CA MET A 48 1.04 11.57 17.38
C MET A 48 0.05 10.58 18.01
N VAL A 49 0.55 9.40 18.41
CA VAL A 49 -0.29 8.42 19.09
C VAL A 49 -0.98 9.00 20.32
N GLU A 50 -0.30 9.89 21.08
CA GLU A 50 -0.90 10.46 22.28
C GLU A 50 -2.10 11.30 21.91
N THR A 51 -1.95 12.16 20.91
CA THR A 51 -3.04 13.04 20.48
C THR A 51 -4.23 12.27 19.93
N LEU A 52 -3.98 11.27 19.07
CA LEU A 52 -5.11 10.53 18.53
C LEU A 52 -5.79 9.70 19.61
N SER A 53 -5.00 9.13 20.53
CA SER A 53 -5.56 8.52 21.73
C SER A 53 -6.47 9.49 22.47
N ASN A 54 -6.01 10.72 22.71
CA ASN A 54 -6.82 11.68 23.46
C ASN A 54 -8.17 11.93 22.80
N LEU A 55 -8.22 12.09 21.48
CA LEU A 55 -9.52 12.22 20.81
C LEU A 55 -10.33 10.94 20.94
N LEU A 56 -9.68 9.79 20.75
CA LEU A 56 -10.43 8.53 20.75
C LEU A 56 -11.06 8.26 22.11
N ARG A 57 -10.40 8.72 23.19
CA ARG A 57 -10.92 8.49 24.54
C ARG A 57 -12.21 9.28 24.79
N SER A 58 -12.20 10.60 24.54
CA SER A 58 -13.44 11.37 24.52
C SER A 58 -14.53 10.71 23.67
N VAL A 59 -14.18 10.22 22.48
CA VAL A 59 -15.21 9.64 21.62
C VAL A 59 -15.82 8.40 22.29
N VAL A 60 -15.02 7.69 23.07
CA VAL A 60 -15.54 6.51 23.78
C VAL A 60 -16.42 6.94 24.96
N ALA A 61 -16.04 8.00 25.66
CA ALA A 61 -16.82 8.39 26.83
C ALA A 61 -18.16 9.01 26.43
N LEU A 62 -18.21 9.75 25.33
CA LEU A 62 -19.42 10.50 24.98
C LEU A 62 -20.20 9.88 23.83
N SER A 63 -19.57 9.62 22.68
CA SER A 63 -20.31 9.21 21.49
C SER A 63 -19.79 7.91 20.88
N PRO A 64 -19.86 6.80 21.61
CA PRO A 64 -19.27 5.55 21.11
C PRO A 64 -19.76 5.11 19.74
N PRO A 65 -21.02 5.37 19.34
CA PRO A 65 -21.37 4.93 17.97
C PRO A 65 -20.49 5.57 16.91
N ASP A 66 -19.98 6.77 17.21
CA ASP A 66 -19.08 7.54 16.37
C ASP A 66 -17.65 7.05 16.42
N LEU A 67 -17.37 5.90 17.04
CA LEU A 67 -15.98 5.46 17.07
C LEU A 67 -15.57 4.90 15.73
N LEU A 68 -16.34 3.93 15.22
CA LEU A 68 -16.01 3.33 13.92
C LEU A 68 -15.70 4.40 12.87
N PRO A 69 -16.59 5.39 12.63
CA PRO A 69 -16.29 6.37 11.57
C PRO A 69 -15.06 7.23 11.85
N VAL A 70 -14.85 7.65 13.10
CA VAL A 70 -13.63 8.40 13.46
C VAL A 70 -12.37 7.60 13.11
N LEU A 71 -12.35 6.30 13.45
CA LEU A 71 -11.19 5.51 13.09
C LEU A 71 -11.03 5.45 11.56
N TYR A 72 -12.14 5.28 10.83
CA TYR A 72 -12.03 5.23 9.38
C TYR A 72 -11.53 6.56 8.84
N LEU A 73 -12.05 7.66 9.40
CA LEU A 73 -11.61 8.96 8.93
C LEU A 73 -10.10 9.15 9.08
N SER A 74 -9.53 8.64 10.19
CA SER A 74 -8.09 8.79 10.47
CA SER A 74 -8.10 8.81 10.45
C SER A 74 -7.23 7.82 9.67
N LEU A 75 -7.77 6.68 9.23
CA LEU A 75 -6.97 5.84 8.34
C LEU A 75 -7.11 6.31 6.92
N ASN A 76 -8.13 7.14 6.67
CA ASN A 76 -8.60 7.51 5.34
C ASN A 76 -9.10 6.26 4.60
N HIS A 77 -9.84 5.40 5.31
CA HIS A 77 -10.40 4.22 4.70
C HIS A 77 -11.89 4.44 4.46
N LEU A 78 -12.46 3.65 3.55
CA LEU A 78 -13.90 3.73 3.35
C LEU A 78 -14.66 2.57 4.01
N GLY A 79 -13.95 1.54 4.46
CA GLY A 79 -14.58 0.35 4.97
C GLY A 79 -13.65 -0.85 4.95
N PRO A 80 -14.19 -2.04 5.23
CA PRO A 80 -13.35 -3.24 5.18
C PRO A 80 -12.73 -3.42 3.81
N PRO A 81 -11.44 -3.80 3.75
CA PRO A 81 -10.80 -3.92 2.43
C PRO A 81 -11.46 -4.95 1.54
N GLN A 82 -12.03 -6.02 2.09
CA GLN A 82 -12.63 -7.04 1.23
C GLN A 82 -13.97 -6.61 0.64
N GLN A 83 -14.53 -5.46 1.00
CA GLN A 83 -15.79 -5.06 0.37
C GLN A 83 -15.57 -4.26 -0.90
N GLY A 84 -14.36 -3.76 -1.14
CA GLY A 84 -14.06 -3.23 -2.47
C GLY A 84 -14.48 -1.80 -2.77
N LEU A 85 -14.75 -0.98 -1.78
CA LEU A 85 -15.15 0.38 -2.07
C LEU A 85 -14.00 1.19 -2.66
N ALA A 86 -14.31 2.04 -3.64
CA ALA A 86 -13.36 3.07 -4.05
C ALA A 86 -14.09 4.34 -4.44
N LEU A 87 -13.49 5.48 -4.10
CA LEU A 87 -14.12 6.78 -4.34
C LEU A 87 -14.42 7.05 -5.82
N GLY A 88 -13.56 6.59 -6.73
CA GLY A 88 -13.73 6.90 -8.15
C GLY A 88 -13.73 8.38 -8.45
N VAL A 89 -12.90 9.15 -7.74
CA VAL A 89 -12.70 10.58 -7.96
C VAL A 89 -11.21 10.76 -8.14
N GLY A 90 -10.82 11.34 -9.28
CA GLY A 90 -9.43 11.69 -9.54
C GLY A 90 -9.14 13.17 -9.28
N ASP A 91 -7.84 13.51 -9.39
CA ASP A 91 -7.37 14.87 -9.10
C ASP A 91 -8.11 15.90 -9.92
N GLY A 92 -8.37 15.60 -11.20
CA GLY A 92 -9.05 16.55 -12.07
C GLY A 92 -10.48 16.81 -11.66
N VAL A 93 -11.22 15.77 -11.33
CA VAL A 93 -12.58 15.98 -10.85
C VAL A 93 -12.55 16.77 -9.54
N LEU A 94 -11.71 16.33 -8.59
CA LEU A 94 -11.56 17.06 -7.33
C LEU A 94 -11.23 18.54 -7.58
N LEU A 95 -10.50 18.84 -8.68
CA LEU A 95 -10.14 20.24 -8.91
C LEU A 95 -11.30 21.02 -9.50
N LYS A 96 -12.10 20.39 -10.38
CA LYS A 96 -13.39 20.96 -10.78
C LYS A 96 -14.28 21.18 -9.57
N ALA A 97 -14.37 20.18 -8.71
CA ALA A 97 -15.17 20.34 -7.49
C ALA A 97 -14.67 21.52 -6.68
N VAL A 98 -13.35 21.61 -6.45
CA VAL A 98 -12.85 22.71 -5.62
C VAL A 98 -13.16 24.03 -6.28
N ALA A 99 -12.91 24.11 -7.60
CA ALA A 99 -13.06 25.39 -8.28
C ALA A 99 -14.51 25.90 -8.19
N GLN A 100 -15.48 25.10 -8.64
CA GLN A 100 -16.87 25.50 -8.56
C GLN A 100 -17.24 25.92 -7.15
N ALA A 101 -16.93 25.08 -6.15
CA ALA A 101 -17.29 25.36 -4.76
C ALA A 101 -16.80 26.73 -4.31
N THR A 102 -15.59 27.11 -4.71
CA THR A 102 -15.00 28.36 -4.23
C THR A 102 -15.38 29.53 -5.11
N GLY A 103 -15.86 29.27 -6.31
CA GLY A 103 -16.14 30.34 -7.27
C GLY A 103 -15.02 30.68 -8.24
N ARG A 104 -13.95 29.88 -8.30
CA ARG A 104 -12.75 30.27 -9.06
C ARG A 104 -12.68 29.61 -10.43
N GLN A 105 -11.82 30.18 -11.29
CA GLN A 105 -11.55 29.55 -12.58
C GLN A 105 -10.79 28.25 -12.38
N LEU A 106 -11.09 27.27 -13.22
CA LEU A 106 -10.37 26.01 -13.12
C LEU A 106 -8.87 26.25 -13.27
N GLU A 107 -8.44 26.74 -14.46
CA GLU A 107 -7.02 26.90 -14.74
C GLU A 107 -6.29 27.46 -13.52
N SER A 108 -6.79 28.56 -12.97
CA SER A 108 -6.18 29.15 -11.77
C SER A 108 -6.03 28.11 -10.65
N VAL A 109 -7.09 27.37 -10.35
CA VAL A 109 -7.04 26.39 -9.27
C VAL A 109 -6.00 25.30 -9.57
N ARG A 110 -6.08 24.71 -10.77
CA ARG A 110 -5.15 23.65 -11.15
C ARG A 110 -3.72 24.12 -11.03
N ALA A 111 -3.49 25.41 -11.29
CA ALA A 111 -2.16 25.99 -11.25
C ALA A 111 -1.65 26.00 -9.83
N GLU A 112 -2.45 26.56 -8.92
CA GLU A 112 -2.01 26.71 -7.55
C GLU A 112 -1.86 25.36 -6.87
N ALA A 113 -2.69 24.40 -7.25
CA ALA A 113 -2.58 23.07 -6.65
C ALA A 113 -1.27 22.39 -7.04
N ALA A 114 -0.88 22.48 -8.33
CA ALA A 114 0.41 21.93 -8.76
C ALA A 114 1.55 22.65 -8.06
N GLU A 115 1.39 23.96 -7.83
CA GLU A 115 2.42 24.81 -7.26
C GLU A 115 2.64 24.50 -5.78
N LYS A 116 1.57 24.49 -4.99
CA LYS A 116 1.68 24.16 -3.57
C LYS A 116 1.90 22.67 -3.32
N GLY A 117 1.57 21.79 -4.28
CA GLY A 117 1.75 20.35 -4.11
C GLY A 117 0.74 19.77 -3.15
N ASP A 118 -0.45 20.35 -3.08
CA ASP A 118 -1.43 19.99 -2.05
C ASP A 118 -2.77 20.56 -2.49
N VAL A 119 -3.78 19.72 -2.71
CA VAL A 119 -5.08 20.30 -3.04
C VAL A 119 -5.74 20.87 -1.78
N GLY A 120 -5.42 20.32 -0.61
CA GLY A 120 -6.09 20.77 0.59
C GLY A 120 -5.86 22.23 0.88
N LEU A 121 -4.64 22.69 0.61
CA LEU A 121 -4.31 24.08 0.89
C LEU A 121 -5.10 25.01 -0.02
N VAL A 122 -5.32 24.61 -1.27
CA VAL A 122 -6.05 25.46 -2.20
C VAL A 122 -7.53 25.51 -1.82
N ALA A 123 -8.10 24.37 -1.40
CA ALA A 123 -9.52 24.34 -1.07
C ALA A 123 -9.81 25.19 0.17
N GLU A 124 -8.87 25.24 1.12
CA GLU A 124 -9.07 25.96 2.35
C GLU A 124 -9.20 27.46 2.09
N ASN A 125 -8.21 28.03 1.40
CA ASN A 125 -8.05 29.50 1.40
C ASN A 125 -8.77 30.14 0.23
N SER A 126 -10.04 29.78 0.07
CA SER A 126 -10.93 30.44 -0.86
C SER A 126 -12.34 30.25 -0.32
N ARG A 127 -13.08 31.34 -0.15
CA ARG A 127 -14.35 31.27 0.58
C ARG A 127 -15.37 32.29 0.04
N SER A 128 -15.73 32.16 -1.24
CA SER A 128 -16.73 33.03 -1.88
C SER A 128 -18.00 32.24 -2.16
N THR A 129 -19.15 32.89 -1.89
CA THR A 129 -20.45 32.29 -1.60
C THR A 129 -20.43 31.61 -0.23
N GLN A 130 -19.25 31.54 0.38
CA GLN A 130 -19.24 31.18 1.78
C GLN A 130 -19.58 32.53 2.49
N ARG A 131 -20.26 33.33 1.68
CA ARG A 131 -20.70 34.65 2.01
C ARG A 131 -22.20 34.84 1.94
N LEU A 132 -22.71 34.98 0.72
CA LEU A 132 -24.14 35.15 0.47
C LEU A 132 -25.08 34.22 1.17
N MET A 133 -24.80 32.94 1.12
CA MET A 133 -25.61 31.95 1.82
C MET A 133 -25.11 31.82 3.26
N LEU A 134 -26.02 32.05 4.20
CA LEU A 134 -25.72 31.92 5.62
C LEU A 134 -25.23 30.50 5.93
N PRO A 135 -24.35 30.33 6.92
CA PRO A 135 -23.59 29.07 7.05
C PRO A 135 -24.51 27.87 7.21
N PRO A 136 -24.17 26.76 6.55
CA PRO A 136 -24.93 25.53 6.73
C PRO A 136 -24.60 24.93 8.07
N PRO A 137 -25.37 23.97 8.55
CA PRO A 137 -25.07 23.39 9.86
C PRO A 137 -23.69 22.77 9.84
N PRO A 138 -23.02 22.72 10.98
CA PRO A 138 -21.66 22.17 11.03
C PRO A 138 -21.56 20.75 10.48
N LEU A 139 -20.32 20.32 10.19
CA LEU A 139 -20.09 18.98 9.64
C LEU A 139 -19.76 18.04 10.78
N THR A 140 -20.32 16.83 10.71
CA THR A 140 -20.15 15.79 11.71
C THR A 140 -19.18 14.72 11.19
N ALA A 141 -18.50 14.05 12.12
CA ALA A 141 -17.60 12.96 11.75
C ALA A 141 -18.33 11.83 11.03
N SER A 142 -19.47 11.37 11.57
CA SER A 142 -20.19 10.29 10.91
CA SER A 142 -20.21 10.30 10.93
C SER A 142 -20.79 10.76 9.60
N GLY A 143 -21.21 12.03 9.54
CA GLY A 143 -21.83 12.56 8.34
C GLY A 143 -20.86 12.66 7.16
N VAL A 144 -19.66 13.18 7.43
CA VAL A 144 -18.61 13.27 6.42
C VAL A 144 -18.21 11.87 5.95
N PHE A 145 -18.05 10.95 6.89
CA PHE A 145 -17.73 9.58 6.49
C PHE A 145 -18.87 8.92 5.69
N SER A 146 -20.12 9.32 5.89
CA SER A 146 -21.19 8.78 5.06
CA SER A 146 -21.17 8.76 5.05
C SER A 146 -21.21 9.44 3.70
N LYS A 147 -20.89 10.72 3.62
CA LYS A 147 -20.88 11.35 2.32
C LYS A 147 -19.75 10.79 1.49
N PHE A 148 -18.64 10.41 2.16
CA PHE A 148 -17.57 9.71 1.44
C PHE A 148 -18.09 8.40 0.88
N ARG A 149 -18.74 7.59 1.74
CA ARG A 149 -19.27 6.33 1.24
C ARG A 149 -20.33 6.57 0.16
N ASP A 150 -21.03 7.73 0.22
CA ASP A 150 -21.97 8.10 -0.82
C ASP A 150 -21.27 8.26 -2.17
N ILE A 151 -20.21 9.07 -2.19
CA ILE A 151 -19.47 9.28 -3.44
C ILE A 151 -19.00 7.94 -3.99
N ALA A 152 -18.30 7.16 -3.16
CA ALA A 152 -17.76 5.89 -3.66
C ALA A 152 -18.86 4.97 -4.18
N ARG A 153 -20.12 5.16 -3.74
CA ARG A 153 -21.19 4.24 -4.12
C ARG A 153 -21.70 4.52 -5.53
N LEU A 154 -21.79 5.77 -5.93
CA LEU A 154 -22.33 6.12 -7.22
C LEU A 154 -21.56 5.64 -8.39
N THR A 155 -22.22 4.97 -9.33
CA THR A 155 -21.54 4.48 -10.52
C THR A 155 -22.37 4.68 -11.77
N GLY A 156 -21.77 4.34 -12.90
CA GLY A 156 -22.49 4.31 -14.15
C GLY A 156 -22.59 5.67 -14.75
N SER A 157 -23.31 5.69 -15.88
CA SER A 157 -23.42 6.87 -16.71
C SER A 157 -23.86 8.07 -15.89
N ALA A 158 -23.08 9.15 -15.97
CA ALA A 158 -23.42 10.44 -15.35
C ALA A 158 -23.15 10.49 -13.85
N SER A 159 -22.31 9.59 -13.30
CA SER A 159 -22.07 9.61 -11.86
C SER A 159 -21.09 10.71 -11.45
N THR A 160 -20.08 11.00 -12.28
CA THR A 160 -19.12 12.06 -11.95
C THR A 160 -19.82 13.34 -11.51
N ALA A 161 -20.76 13.83 -12.35
CA ALA A 161 -21.50 15.04 -12.00
C ALA A 161 -22.12 14.96 -10.60
N LYS A 162 -22.59 13.78 -10.22
CA LYS A 162 -23.22 13.61 -8.92
C LYS A 162 -22.18 13.55 -7.82
N LYS A 163 -21.04 12.89 -8.11
CA LYS A 163 -19.92 12.85 -7.16
C LYS A 163 -19.45 14.27 -6.85
N ILE A 164 -19.43 15.13 -7.87
CA ILE A 164 -19.00 16.52 -7.67
C ILE A 164 -19.97 17.26 -6.74
N ASP A 165 -21.29 17.11 -6.97
CA ASP A 165 -22.24 17.84 -6.15
C ASP A 165 -22.04 17.53 -4.67
N ILE A 166 -21.81 16.25 -4.33
CA ILE A 166 -21.60 15.88 -2.93
C ILE A 166 -20.38 16.62 -2.37
N ILE A 167 -19.26 16.58 -3.12
CA ILE A 167 -18.03 17.26 -2.71
C ILE A 167 -18.26 18.76 -2.52
N LYS A 168 -18.97 19.40 -3.48
CA LYS A 168 -19.28 20.82 -3.31
C LYS A 168 -20.10 21.02 -2.06
N GLY A 169 -20.93 20.04 -1.71
CA GLY A 169 -21.70 20.13 -0.48
C GLY A 169 -20.79 20.34 0.71
N LEU A 170 -19.80 19.43 0.88
CA LEU A 170 -18.85 19.53 1.97
C LEU A 170 -18.09 20.84 1.93
N PHE A 171 -17.65 21.24 0.75
CA PHE A 171 -16.79 22.41 0.74
C PHE A 171 -17.57 23.64 1.20
N VAL A 172 -18.87 23.61 1.00
CA VAL A 172 -19.64 24.77 1.39
C VAL A 172 -19.94 24.75 2.88
N ALA A 173 -20.09 23.54 3.46
CA ALA A 173 -20.26 23.37 4.91
C ALA A 173 -18.96 23.47 5.68
N CYS A 174 -17.83 23.44 4.98
CA CYS A 174 -16.55 23.46 5.67
C CYS A 174 -16.34 24.82 6.28
N ARG A 175 -15.80 24.84 7.50
CA ARG A 175 -15.21 26.07 8.02
C ARG A 175 -13.91 25.71 8.73
N HIS A 176 -13.04 26.72 8.87
CA HIS A 176 -11.74 26.62 9.54
C HIS A 176 -10.76 25.75 8.75
N SER A 177 -10.37 24.60 9.30
CA SER A 177 -9.40 23.74 8.67
C SER A 177 -10.05 22.49 8.08
N GLU A 178 -11.37 22.52 7.88
CA GLU A 178 -12.06 21.32 7.40
C GLU A 178 -11.80 21.10 5.91
N ALA A 179 -11.86 22.16 5.10
CA ALA A 179 -11.70 21.98 3.66
C ALA A 179 -10.32 21.39 3.36
N ARG A 180 -9.33 21.72 4.18
CA ARG A 180 -8.00 21.20 3.96
C ARG A 180 -8.00 19.68 3.98
N PHE A 181 -8.67 19.08 4.97
CA PHE A 181 -8.60 17.64 5.15
C PHE A 181 -9.64 16.88 4.38
N ILE A 182 -10.80 17.46 4.07
CA ILE A 182 -11.69 16.78 3.14
C ILE A 182 -10.98 16.61 1.79
N ALA A 183 -10.51 17.74 1.23
CA ALA A 183 -9.76 17.73 -0.02
C ALA A 183 -8.59 16.75 0.02
N ARG A 184 -7.80 16.74 1.10
CA ARG A 184 -6.74 15.75 1.22
C ARG A 184 -7.30 14.33 1.19
N SER A 185 -8.38 14.05 1.96
CA SER A 185 -8.90 12.68 2.01
C SER A 185 -9.37 12.22 0.63
N LEU A 186 -10.23 13.03 -0.01
CA LEU A 186 -10.67 12.69 -1.37
C LEU A 186 -9.50 12.42 -2.29
N SER A 187 -8.44 13.21 -2.16
CA SER A 187 -7.31 12.95 -3.03
C SER A 187 -6.47 11.78 -2.54
N GLY A 188 -6.89 11.10 -1.49
CA GLY A 188 -6.14 9.96 -0.98
C GLY A 188 -4.73 10.30 -0.55
N ARG A 189 -4.51 11.53 -0.08
CA ARG A 189 -3.18 12.03 0.32
C ARG A 189 -3.29 12.78 1.66
N LEU A 190 -3.73 12.08 2.71
CA LEU A 190 -4.01 12.78 3.96
C LEU A 190 -2.72 13.31 4.60
N ARG A 191 -1.63 12.55 4.46
CA ARG A 191 -0.28 12.86 4.93
C ARG A 191 -0.30 13.52 6.30
N LEU A 192 -0.74 12.73 7.28
CA LEU A 192 -0.67 13.12 8.68
C LEU A 192 0.64 12.70 9.31
N GLY A 193 1.17 11.60 8.82
CA GLY A 193 2.34 11.02 9.41
C GLY A 193 1.95 9.97 10.43
N LEU A 194 0.72 9.52 10.36
CA LEU A 194 0.19 8.53 11.22
C LEU A 194 -0.63 7.65 10.35
N ALA A 195 -0.49 6.35 10.46
CA ALA A 195 -1.26 5.48 9.60
C ALA A 195 -1.88 4.29 10.33
N GLU A 196 -1.73 3.09 9.80
CA GLU A 196 -2.40 1.95 10.42
C GLU A 196 -1.76 1.58 11.76
N GLN A 197 -0.44 1.38 11.78
CA GLN A 197 0.17 0.93 13.03
C GLN A 197 -0.09 1.94 14.15
N SER A 198 -0.01 3.23 13.83
CA SER A 198 -0.19 4.25 14.85
C SER A 198 -1.65 4.41 15.23
N VAL A 199 -2.60 4.07 14.36
CA VAL A 199 -4.02 4.10 14.76
C VAL A 199 -4.28 3.03 15.82
N LEU A 200 -3.91 1.78 15.53
CA LEU A 200 -4.04 0.69 16.48
C LEU A 200 -3.43 1.04 17.84
N ALA A 201 -2.16 1.45 17.85
CA ALA A 201 -1.58 1.98 19.08
C ALA A 201 -2.54 2.94 19.77
N ALA A 202 -3.02 3.96 19.04
CA ALA A 202 -3.86 4.96 19.70
C ALA A 202 -5.19 4.34 20.19
N LEU A 203 -5.76 3.41 19.42
CA LEU A 203 -6.99 2.75 19.85
C LEU A 203 -6.77 2.00 21.17
N SER A 204 -5.83 1.05 21.17
CA SER A 204 -5.66 0.18 22.33
C SER A 204 -5.25 0.98 23.57
N GLN A 205 -4.39 1.98 23.41
CA GLN A 205 -4.15 2.89 24.52
C GLN A 205 -5.44 3.57 24.96
N ALA A 206 -6.30 3.98 24.01
CA ALA A 206 -7.45 4.80 24.38
C ALA A 206 -8.49 3.98 25.14
N VAL A 207 -8.77 2.77 24.68
CA VAL A 207 -9.69 1.95 25.46
C VAL A 207 -9.03 1.46 26.74
N SER A 208 -7.70 1.21 26.72
CA SER A 208 -7.03 0.87 27.98
C SER A 208 -7.17 1.99 29.00
N LEU A 209 -6.79 3.22 28.63
CA LEU A 209 -6.92 4.31 29.60
C LEU A 209 -8.37 4.54 29.97
N THR A 210 -9.30 4.39 29.02
CA THR A 210 -10.70 4.78 29.22
C THR A 210 -11.67 3.77 28.68
N PRO A 211 -11.92 2.70 29.41
CA PRO A 211 -12.59 1.54 28.83
C PRO A 211 -14.04 1.86 28.48
N PRO A 212 -14.59 1.14 27.52
CA PRO A 212 -15.97 1.44 27.08
C PRO A 212 -17.02 0.82 28.00
N GLY A 213 -18.28 0.77 27.55
CA GLY A 213 -19.37 0.13 28.29
C GLY A 213 -19.53 0.63 29.71
N GLN A 214 -19.16 1.90 29.95
CA GLN A 214 -19.13 2.50 31.29
C GLN A 214 -20.31 3.47 31.43
N GLU A 215 -21.13 3.26 32.46
CA GLU A 215 -22.21 4.18 32.81
C GLU A 215 -21.71 5.63 32.81
N PHE A 216 -22.33 6.49 32.00
CA PHE A 216 -21.93 7.88 32.03
C PHE A 216 -22.48 8.53 33.30
N PRO A 217 -21.73 9.49 33.90
CA PRO A 217 -20.36 9.83 33.53
C PRO A 217 -19.39 8.75 33.97
N PRO A 218 -18.48 8.36 33.08
CA PRO A 218 -17.72 7.13 33.28
C PRO A 218 -16.96 7.14 34.60
N ALA A 219 -17.09 6.02 35.33
CA ALA A 219 -16.43 5.88 36.61
C ALA A 219 -14.94 6.15 36.50
N MET A 220 -14.25 5.36 35.69
N MET A 220 -14.26 5.43 35.61
CA MET A 220 -12.80 5.45 35.54
CA MET A 220 -12.80 5.41 35.52
C MET A 220 -12.51 6.06 34.18
C MET A 220 -12.37 5.97 34.17
N VAL A 221 -11.76 7.15 34.17
CA VAL A 221 -11.37 7.79 32.92
C VAL A 221 -9.88 7.70 32.64
N ASP A 222 -9.07 7.21 33.59
CA ASP A 222 -7.63 7.03 33.37
C ASP A 222 -7.20 5.85 34.23
N ALA A 223 -7.36 4.65 33.69
CA ALA A 223 -6.94 3.43 34.39
C ALA A 223 -5.43 3.32 34.49
N GLY A 224 -4.68 4.38 34.17
CA GLY A 224 -3.24 4.31 34.22
C GLY A 224 -2.66 5.01 35.44
N LYS A 225 -3.53 5.66 36.22
CA LYS A 225 -3.05 6.62 37.23
C LYS A 225 -2.42 5.90 38.42
N GLY A 226 -3.00 4.77 38.82
CA GLY A 226 -2.45 4.06 39.98
C GLY A 226 -1.02 3.60 39.76
N LYS A 227 -0.68 3.21 38.54
CA LYS A 227 0.57 2.54 38.25
C LYS A 227 1.72 3.54 38.22
N THR A 228 2.92 3.02 38.46
CA THR A 228 4.16 3.75 38.25
C THR A 228 4.46 3.81 36.76
N ALA A 229 5.38 4.72 36.39
CA ALA A 229 5.66 4.97 34.98
C ALA A 229 6.18 3.72 34.28
N GLU A 230 6.90 2.85 34.99
CA GLU A 230 7.33 1.60 34.37
C GLU A 230 6.14 0.66 34.18
N ALA A 231 5.31 0.49 35.22
CA ALA A 231 4.20 -0.47 35.16
C ALA A 231 3.19 -0.09 34.07
N ARG A 232 2.93 1.20 33.90
CA ARG A 232 2.13 1.73 32.79
C ARG A 232 2.62 1.18 31.46
N LYS A 233 3.83 1.60 31.05
CA LYS A 233 4.37 1.28 29.73
C LYS A 233 4.27 -0.22 29.42
N THR A 234 4.53 -1.07 30.40
CA THR A 234 4.38 -2.50 30.16
C THR A 234 2.93 -2.90 29.95
N TRP A 235 2.02 -2.28 30.68
CA TRP A 235 0.62 -2.62 30.52
C TRP A 235 0.09 -2.13 29.17
N LEU A 236 0.43 -0.89 28.79
CA LEU A 236 0.12 -0.39 27.45
C LEU A 236 0.62 -1.34 26.37
N GLU A 237 1.88 -1.81 26.48
CA GLU A 237 2.43 -2.60 25.41
C GLU A 237 1.70 -3.94 25.25
N GLU A 238 1.28 -4.54 26.36
CA GLU A 238 0.61 -5.84 26.25
C GLU A 238 -0.82 -5.67 25.82
N GLN A 239 -1.43 -4.52 26.13
CA GLN A 239 -2.75 -4.22 25.62
C GLN A 239 -2.71 -4.09 24.10
N GLY A 240 -1.82 -3.20 23.59
CA GLY A 240 -1.68 -3.03 22.16
C GLY A 240 -1.43 -4.32 21.42
N MET A 241 -0.77 -5.29 22.07
CA MET A 241 -0.51 -6.51 21.34
C MET A 241 -1.74 -7.38 21.23
N ILE A 242 -2.65 -7.32 22.22
CA ILE A 242 -3.92 -8.03 22.02
C ILE A 242 -4.58 -7.52 20.75
N LEU A 243 -4.81 -6.20 20.70
CA LEU A 243 -5.47 -5.60 19.55
C LEU A 243 -4.74 -5.95 18.25
N LYS A 244 -3.41 -5.75 18.22
CA LYS A 244 -2.66 -5.92 16.97
C LYS A 244 -2.80 -7.34 16.42
N GLN A 245 -2.64 -8.36 17.27
CA GLN A 245 -2.73 -9.73 16.74
C GLN A 245 -4.16 -10.07 16.41
N THR A 246 -5.13 -9.48 17.11
CA THR A 246 -6.51 -9.68 16.70
C THR A 246 -6.74 -9.10 15.32
N PHE A 247 -6.54 -7.77 15.18
CA PHE A 247 -6.62 -7.10 13.89
C PHE A 247 -5.85 -7.87 12.82
N CYS A 248 -4.69 -8.42 13.18
CA CYS A 248 -3.91 -9.08 12.13
CA CYS A 248 -3.89 -9.11 12.17
C CYS A 248 -4.63 -10.30 11.62
N GLU A 249 -5.47 -10.95 12.45
CA GLU A 249 -6.24 -12.11 12.05
C GLU A 249 -7.61 -11.74 11.49
N VAL A 250 -8.13 -10.55 11.83
CA VAL A 250 -9.40 -10.05 11.31
C VAL A 250 -9.22 -8.55 11.06
N PRO A 251 -8.51 -8.15 10.00
CA PRO A 251 -8.32 -6.71 9.77
C PRO A 251 -9.61 -6.08 9.28
N ASP A 252 -10.56 -5.97 10.17
CA ASP A 252 -11.91 -5.59 9.79
C ASP A 252 -12.50 -4.82 10.97
N LEU A 253 -12.52 -3.49 10.87
CA LEU A 253 -13.07 -2.71 11.95
C LEU A 253 -14.57 -2.97 12.10
N ASP A 254 -15.25 -3.31 10.98
CA ASP A 254 -16.69 -3.56 11.06
C ASP A 254 -17.02 -4.69 12.04
N ARG A 255 -16.19 -5.75 12.07
CA ARG A 255 -16.35 -6.81 13.06
C ARG A 255 -15.74 -6.43 14.42
N ILE A 256 -14.46 -6.07 14.43
CA ILE A 256 -13.70 -5.85 15.67
C ILE A 256 -14.32 -4.77 16.55
N ILE A 257 -14.73 -3.65 15.96
CA ILE A 257 -15.07 -2.50 16.80
C ILE A 257 -16.31 -2.72 17.65
N PRO A 258 -17.49 -3.07 17.13
CA PRO A 258 -18.64 -3.19 18.02
C PRO A 258 -18.47 -4.28 19.06
N VAL A 259 -17.64 -5.28 18.76
CA VAL A 259 -17.25 -6.27 19.77
C VAL A 259 -16.47 -5.60 20.89
N LEU A 260 -15.59 -4.67 20.56
CA LEU A 260 -14.83 -3.99 21.61
C LEU A 260 -15.74 -3.14 22.49
N LEU A 261 -16.80 -2.61 21.92
CA LEU A 261 -17.61 -1.67 22.68
C LEU A 261 -18.48 -2.38 23.73
N GLU A 262 -18.72 -3.67 23.60
CA GLU A 262 -19.58 -4.34 24.58
C GLU A 262 -18.96 -5.56 25.25
N HIS A 263 -17.65 -5.70 25.16
CA HIS A 263 -16.94 -6.84 25.73
C HIS A 263 -15.56 -6.47 26.22
N GLY A 264 -15.20 -5.17 26.13
CA GLY A 264 -13.86 -4.69 26.47
C GLY A 264 -12.71 -5.25 25.64
N LEU A 265 -11.50 -4.72 25.85
CA LEU A 265 -10.40 -5.22 25.04
C LEU A 265 -9.94 -6.62 25.43
N GLU A 266 -10.04 -7.00 26.72
CA GLU A 266 -9.47 -8.28 27.16
C GLU A 266 -10.18 -9.47 26.50
N ARG A 267 -11.46 -9.31 26.14
CA ARG A 267 -12.28 -10.39 25.65
C ARG A 267 -12.32 -10.48 24.13
N LEU A 268 -11.57 -9.63 23.42
CA LEU A 268 -11.61 -9.58 21.96
C LEU A 268 -11.10 -10.84 21.28
N PRO A 269 -9.97 -11.42 21.72
CA PRO A 269 -9.48 -12.67 21.07
C PRO A 269 -10.47 -13.83 21.11
N GLU A 270 -11.50 -13.73 21.96
CA GLU A 270 -12.47 -14.81 22.12
C GLU A 270 -13.51 -14.78 21.01
N HIS A 271 -13.98 -13.58 20.65
CA HIS A 271 -15.03 -13.37 19.64
C HIS A 271 -14.50 -13.23 18.21
N CYS A 272 -13.22 -12.93 18.01
CA CYS A 272 -12.68 -12.63 16.68
C CYS A 272 -11.41 -13.43 16.51
N LYS A 273 -11.51 -14.61 15.91
CA LYS A 273 -10.34 -15.47 15.76
C LYS A 273 -10.20 -15.80 14.28
N LEU A 274 -8.96 -16.06 13.85
CA LEU A 274 -8.72 -16.37 12.45
C LEU A 274 -9.71 -17.45 12.02
N SER A 275 -10.30 -17.29 10.83
CA SER A 275 -11.39 -18.17 10.40
CA SER A 275 -11.44 -18.12 10.41
C SER A 275 -11.58 -18.13 8.88
N PRO A 276 -11.75 -19.28 8.25
CA PRO A 276 -11.87 -19.31 6.78
C PRO A 276 -13.04 -18.48 6.25
N GLY A 277 -12.76 -17.76 5.16
CA GLY A 277 -13.65 -16.79 4.53
C GLY A 277 -13.44 -15.38 5.01
N ILE A 278 -12.51 -15.19 5.93
CA ILE A 278 -12.23 -13.90 6.54
C ILE A 278 -10.74 -13.63 6.34
N PRO A 279 -10.32 -12.76 5.41
CA PRO A 279 -8.91 -12.73 5.03
C PRO A 279 -8.10 -12.09 6.12
N LEU A 280 -6.84 -12.50 6.23
CA LEU A 280 -5.99 -11.99 7.29
C LEU A 280 -4.75 -11.39 6.65
N LYS A 281 -4.17 -10.37 7.35
CA LYS A 281 -2.94 -9.71 6.92
C LYS A 281 -1.88 -10.77 6.64
N PRO A 282 -1.18 -10.70 5.51
CA PRO A 282 -0.17 -11.71 5.20
C PRO A 282 1.16 -11.38 5.87
N MET A 283 2.11 -12.31 5.76
CA MET A 283 3.46 -12.10 6.27
C MET A 283 4.33 -11.43 5.21
N LEU A 284 5.17 -10.47 5.63
CA LEU A 284 5.92 -9.64 4.68
C LEU A 284 7.44 -9.88 4.72
N ALA A 285 8.11 -9.57 3.60
CA ALA A 285 9.56 -9.73 3.47
C ALA A 285 10.30 -8.41 3.57
N HIS A 286 11.39 -8.38 4.39
CA HIS A 286 12.41 -7.32 4.51
C HIS A 286 13.44 -7.53 3.41
N PRO A 287 13.86 -6.47 2.71
CA PRO A 287 14.87 -6.65 1.66
C PRO A 287 16.24 -6.81 2.28
N THR A 288 17.03 -7.69 1.69
CA THR A 288 18.32 -8.06 2.25
C THR A 288 19.30 -7.92 1.12
N ARG A 289 20.35 -7.13 1.32
CA ARG A 289 21.29 -6.83 0.24
C ARG A 289 22.46 -7.81 0.18
N GLY A 290 22.30 -9.03 0.69
CA GLY A 290 23.32 -10.03 0.39
C GLY A 290 23.32 -11.18 1.38
N ILE A 291 23.87 -12.31 0.91
CA ILE A 291 23.96 -13.55 1.71
C ILE A 291 24.64 -13.30 3.06
N SER A 292 25.66 -12.44 3.06
CA SER A 292 26.28 -12.02 4.32
C SER A 292 25.24 -11.38 5.26
N GLU A 293 24.31 -10.57 4.73
CA GLU A 293 23.35 -9.93 5.61
C GLU A 293 22.32 -10.90 6.17
N VAL A 294 22.11 -12.05 5.49
CA VAL A 294 21.17 -13.05 6.00
C VAL A 294 21.66 -13.58 7.34
N LEU A 295 22.91 -14.07 7.36
CA LEU A 295 23.54 -14.59 8.55
C LEU A 295 23.72 -13.51 9.63
N LYS A 296 23.81 -12.25 9.25
CA LYS A 296 23.69 -11.20 10.26
C LYS A 296 22.29 -11.18 10.87
N ARG A 297 21.25 -11.25 10.03
CA ARG A 297 19.90 -11.08 10.56
C ARG A 297 19.42 -12.33 11.29
N PHE A 298 19.89 -13.51 10.87
CA PHE A 298 19.42 -14.77 11.42
C PHE A 298 20.38 -15.42 12.42
N GLU A 299 21.68 -15.12 12.32
CA GLU A 299 22.68 -15.55 13.29
C GLU A 299 22.40 -17.05 13.33
N GLU A 300 22.26 -17.56 14.56
CA GLU A 300 22.15 -18.97 14.91
C GLU A 300 20.93 -19.81 14.60
N ALA A 301 19.86 -19.18 14.18
CA ALA A 301 18.64 -19.90 13.81
C ALA A 301 18.79 -20.59 12.47
N ALA A 302 18.30 -21.84 12.41
CA ALA A 302 18.17 -22.56 11.15
C ALA A 302 17.09 -21.91 10.31
N PHE A 303 17.33 -21.88 8.99
CA PHE A 303 16.40 -21.28 8.04
C PHE A 303 16.39 -22.07 6.74
N THR A 304 15.41 -21.77 5.90
CA THR A 304 15.24 -22.38 4.60
C THR A 304 15.23 -21.28 3.53
N CYS A 305 15.46 -21.69 2.29
CA CYS A 305 15.54 -20.78 1.14
C CYS A 305 14.55 -21.23 0.09
N GLU A 306 13.58 -20.37 -0.22
CA GLU A 306 12.57 -20.64 -1.24
C GLU A 306 12.72 -19.70 -2.43
N TYR A 307 12.60 -20.29 -3.63
CA TYR A 307 12.23 -19.60 -4.85
C TYR A 307 11.19 -18.52 -4.58
N LYS A 308 11.54 -17.27 -4.91
CA LYS A 308 10.56 -16.17 -4.99
C LYS A 308 9.93 -16.16 -6.39
N TYR A 309 8.64 -16.49 -6.49
CA TYR A 309 7.95 -16.54 -7.76
C TYR A 309 7.34 -15.18 -8.10
N ASP A 310 7.32 -14.87 -9.40
CA ASP A 310 6.87 -13.58 -9.92
C ASP A 310 5.48 -13.78 -10.53
N GLY A 311 4.49 -13.82 -9.65
CA GLY A 311 3.10 -13.76 -10.05
C GLY A 311 2.41 -12.82 -9.09
N GLN A 312 1.26 -13.20 -8.52
CA GLN A 312 0.62 -12.43 -7.46
C GLN A 312 0.09 -13.31 -6.35
N ARG A 313 0.23 -12.85 -5.11
CA ARG A 313 -0.20 -13.62 -3.94
C ARG A 313 -1.67 -13.99 -4.06
N ALA A 314 -2.00 -15.23 -3.64
CA ALA A 314 -3.37 -15.74 -3.66
C ALA A 314 -3.56 -16.51 -2.38
N GLN A 315 -4.44 -16.02 -1.50
CA GLN A 315 -4.60 -16.57 -0.16
C GLN A 315 -5.86 -17.42 -0.15
N ILE A 316 -5.70 -18.72 -0.37
CA ILE A 316 -6.82 -19.59 -0.76
C ILE A 316 -7.53 -20.12 0.48
N HIS A 317 -8.83 -19.90 0.55
CA HIS A 317 -9.63 -20.24 1.73
C HIS A 317 -10.57 -21.38 1.37
N ALA A 318 -10.54 -22.46 2.17
CA ALA A 318 -11.43 -23.62 2.03
C ALA A 318 -12.18 -23.83 3.35
N LEU A 319 -13.48 -23.53 3.38
CA LEU A 319 -14.28 -23.64 4.60
C LEU A 319 -14.84 -25.05 4.77
N GLU A 320 -15.19 -25.39 6.02
CA GLU A 320 -15.95 -26.60 6.26
C GLU A 320 -17.34 -26.41 5.67
N GLY A 321 -17.76 -27.36 4.85
CA GLY A 321 -18.91 -27.18 4.01
C GLY A 321 -18.58 -27.05 2.55
N GLY A 322 -17.27 -26.98 2.21
CA GLY A 322 -16.79 -27.13 0.85
C GLY A 322 -16.60 -25.84 0.08
N GLU A 323 -17.21 -24.72 0.50
CA GLU A 323 -17.12 -23.44 -0.20
C GLU A 323 -15.66 -22.97 -0.24
N VAL A 324 -15.31 -22.24 -1.30
CA VAL A 324 -13.93 -21.86 -1.58
C VAL A 324 -13.87 -20.38 -1.95
N LYS A 325 -13.07 -19.61 -1.21
CA LYS A 325 -12.83 -18.19 -1.45
C LYS A 325 -11.34 -17.89 -1.61
N ILE A 326 -11.02 -16.76 -2.24
CA ILE A 326 -9.64 -16.39 -2.58
C ILE A 326 -9.43 -14.90 -2.38
N PHE A 327 -8.31 -14.50 -1.78
CA PHE A 327 -8.06 -13.08 -1.49
C PHE A 327 -6.67 -12.63 -1.93
N SER A 328 -6.57 -11.37 -2.38
CA SER A 328 -5.31 -10.73 -2.72
C SER A 328 -4.53 -10.40 -1.45
N ARG A 329 -3.27 -9.97 -1.60
CA ARG A 329 -2.52 -9.55 -0.41
C ARG A 329 -3.11 -8.29 0.22
N ASN A 330 -3.95 -7.55 -0.48
CA ASN A 330 -4.65 -6.40 0.11
C ASN A 330 -5.98 -6.74 0.77
N GLN A 331 -6.31 -8.03 0.90
CA GLN A 331 -7.62 -8.49 1.37
C GLN A 331 -8.69 -8.27 0.33
N ALA A 332 -8.35 -8.11 -0.93
CA ALA A 332 -9.42 -7.95 -1.89
C ALA A 332 -9.99 -9.32 -2.17
N ASP A 333 -11.30 -9.36 -2.43
CA ASP A 333 -11.93 -10.61 -2.82
C ASP A 333 -11.51 -10.95 -4.25
N ASN A 334 -10.68 -11.96 -4.43
CA ASN A 334 -10.30 -12.37 -5.78
C ASN A 334 -10.99 -13.66 -6.20
N THR A 335 -12.09 -14.03 -5.51
CA THR A 335 -12.68 -15.35 -5.76
C THR A 335 -13.21 -15.46 -7.18
N GLY A 336 -14.10 -14.54 -7.57
CA GLY A 336 -14.57 -14.45 -8.95
C GLY A 336 -13.49 -14.34 -9.99
N LYS A 337 -12.26 -13.98 -9.61
CA LYS A 337 -11.21 -13.79 -10.59
C LYS A 337 -10.75 -15.11 -11.18
N TYR A 338 -10.85 -16.21 -10.43
CA TYR A 338 -10.19 -17.47 -10.75
C TYR A 338 -11.15 -18.65 -10.70
N PRO A 339 -12.15 -18.72 -11.58
CA PRO A 339 -12.94 -19.95 -11.63
C PRO A 339 -12.06 -21.18 -11.75
N ASP A 340 -10.98 -21.09 -12.52
CA ASP A 340 -10.12 -22.24 -12.77
C ASP A 340 -9.50 -22.81 -11.49
N ILE A 341 -9.41 -22.02 -10.43
CA ILE A 341 -8.71 -22.49 -9.25
C ILE A 341 -9.69 -23.15 -8.28
N ILE A 342 -10.95 -22.74 -8.35
CA ILE A 342 -11.97 -23.36 -7.51
C ILE A 342 -12.27 -24.77 -8.00
N SER A 343 -12.42 -24.92 -9.33
CA SER A 343 -12.54 -26.23 -9.95
C SER A 343 -11.44 -27.19 -9.49
N ARG A 344 -10.20 -26.69 -9.40
CA ARG A 344 -9.05 -27.53 -9.09
C ARG A 344 -8.70 -27.55 -7.61
N ILE A 345 -9.65 -27.24 -6.73
CA ILE A 345 -9.41 -27.40 -5.31
C ILE A 345 -9.43 -28.89 -4.98
N PRO A 346 -10.38 -29.67 -5.52
CA PRO A 346 -10.35 -31.13 -5.36
C PRO A 346 -8.98 -31.78 -5.44
N LYS A 347 -8.28 -31.50 -6.53
CA LYS A 347 -7.01 -32.12 -6.91
C LYS A 347 -5.83 -31.81 -5.98
N ILE A 348 -5.98 -30.99 -4.93
CA ILE A 348 -4.80 -30.53 -4.23
C ILE A 348 -4.69 -31.04 -2.82
N LYS A 349 -5.78 -31.53 -2.25
CA LYS A 349 -5.77 -32.02 -0.88
C LYS A 349 -6.04 -33.51 -0.84
N LEU A 350 -5.69 -34.09 0.32
CA LEU A 350 -6.07 -35.46 0.66
C LEU A 350 -7.50 -35.48 1.18
N PRO A 351 -8.25 -36.56 0.91
CA PRO A 351 -9.66 -36.63 1.33
C PRO A 351 -9.89 -36.33 2.81
N SER A 352 -8.86 -36.49 3.66
CA SER A 352 -8.97 -36.23 5.09
C SER A 352 -8.99 -34.75 5.44
N VAL A 353 -8.79 -33.86 4.46
CA VAL A 353 -8.63 -32.42 4.72
C VAL A 353 -9.99 -31.74 4.58
N THR A 354 -10.45 -31.13 5.68
CA THR A 354 -11.80 -30.56 5.75
C THR A 354 -11.84 -29.03 5.72
N SER A 355 -10.72 -28.34 5.91
CA SER A 355 -10.67 -26.88 5.84
C SER A 355 -9.21 -26.43 5.88
N PHE A 356 -8.88 -25.41 5.08
CA PHE A 356 -7.53 -24.85 5.06
C PHE A 356 -7.51 -23.40 4.65
N ILE A 357 -6.45 -22.72 5.09
CA ILE A 357 -6.01 -21.45 4.48
C ILE A 357 -4.59 -21.67 3.98
N LEU A 358 -4.41 -21.49 2.67
CA LEU A 358 -3.11 -21.63 2.00
C LEU A 358 -2.51 -20.26 1.66
N ASP A 359 -1.17 -20.19 1.70
CA ASP A 359 -0.42 -19.01 1.30
C ASP A 359 0.39 -19.44 0.08
N THR A 360 0.02 -18.91 -1.10
CA THR A 360 0.56 -19.36 -2.39
C THR A 360 0.89 -18.19 -3.31
N GLU A 361 1.42 -18.51 -4.50
CA GLU A 361 1.63 -17.51 -5.55
C GLU A 361 1.00 -17.98 -6.84
N ALA A 362 0.06 -17.19 -7.37
CA ALA A 362 -0.56 -17.50 -8.64
C ALA A 362 0.38 -17.04 -9.76
N VAL A 363 0.82 -17.95 -10.61
CA VAL A 363 1.82 -17.62 -11.62
C VAL A 363 1.32 -18.10 -12.97
N ALA A 364 1.34 -17.20 -13.95
CA ALA A 364 0.97 -17.53 -15.31
C ALA A 364 1.80 -18.71 -15.78
N TRP A 365 1.16 -19.65 -16.51
CA TRP A 365 1.76 -20.91 -16.93
C TRP A 365 1.35 -21.23 -18.35
N ASP A 366 2.33 -21.45 -19.22
CA ASP A 366 2.04 -21.93 -20.58
C ASP A 366 2.19 -23.44 -20.62
N ARG A 367 1.06 -24.14 -20.84
CA ARG A 367 1.02 -25.60 -20.82
C ARG A 367 1.60 -26.22 -22.09
N GLU A 368 1.35 -25.57 -23.24
CA GLU A 368 2.05 -25.91 -24.49
C GLU A 368 3.54 -26.16 -24.23
N LYS A 369 4.20 -25.22 -23.55
CA LYS A 369 5.64 -25.30 -23.34
C LYS A 369 6.05 -25.73 -21.92
N LYS A 370 5.13 -25.75 -20.96
CA LYS A 370 5.37 -26.23 -19.59
C LYS A 370 6.46 -25.42 -18.89
N GLN A 371 6.13 -24.15 -18.63
CA GLN A 371 7.05 -23.23 -17.95
C GLN A 371 6.33 -21.90 -17.66
N ILE A 372 7.05 -21.01 -17.01
CA ILE A 372 6.47 -19.81 -16.42
C ILE A 372 6.49 -18.68 -17.46
N GLN A 373 5.35 -17.98 -17.58
CA GLN A 373 5.29 -16.75 -18.34
C GLN A 373 5.48 -15.54 -17.41
N PRO A 374 5.85 -14.38 -17.95
CA PRO A 374 6.16 -13.23 -17.09
C PRO A 374 4.93 -12.58 -16.46
N PHE A 375 5.21 -11.64 -15.56
CA PHE A 375 4.15 -10.96 -14.81
C PHE A 375 3.18 -10.22 -15.74
N GLN A 376 3.71 -9.45 -16.70
CA GLN A 376 2.92 -8.80 -17.77
C GLN A 376 1.85 -9.72 -18.38
N VAL A 377 2.12 -11.03 -18.49
CA VAL A 377 1.13 -11.97 -19.00
C VAL A 377 0.01 -12.20 -17.98
N LEU A 378 0.40 -12.54 -16.73
CA LEU A 378 -0.59 -12.75 -15.69
C LEU A 378 -1.60 -11.61 -15.66
N THR A 379 -1.16 -10.38 -15.87
CA THR A 379 -2.06 -9.25 -15.69
C THR A 379 -3.04 -9.05 -16.86
N THR A 380 -2.94 -9.83 -17.93
CA THR A 380 -3.90 -9.67 -19.02
C THR A 380 -5.21 -10.44 -18.79
N ARG A 381 -5.23 -11.33 -17.78
CA ARG A 381 -6.42 -12.02 -17.34
C ARG A 381 -7.47 -11.03 -16.85
N LYS A 382 -8.75 -11.28 -17.18
CA LYS A 382 -9.86 -10.47 -16.67
C LYS A 382 -9.92 -10.55 -15.15
N ARG A 383 -10.51 -9.50 -14.53
CA ARG A 383 -10.78 -9.40 -13.10
C ARG A 383 -12.23 -9.76 -12.84
N LYS A 384 -12.81 -9.11 -11.83
CA LYS A 384 -14.26 -8.90 -11.77
C LYS A 384 -14.77 -10.33 -11.61
N GLU A 385 -15.54 -10.81 -12.62
CA GLU A 385 -16.48 -11.95 -12.61
C GLU A 385 -16.21 -12.76 -13.90
N VAL A 386 -15.17 -13.59 -13.86
CA VAL A 386 -14.84 -14.44 -15.00
C VAL A 386 -15.63 -15.72 -14.94
N ASP A 387 -16.08 -16.18 -16.10
CA ASP A 387 -16.73 -17.49 -16.20
C ASP A 387 -15.82 -18.41 -16.99
N ALA A 388 -15.71 -19.66 -16.52
CA ALA A 388 -14.50 -20.45 -16.73
C ALA A 388 -14.21 -20.70 -18.20
N SER A 389 -15.23 -20.58 -19.06
CA SER A 389 -15.04 -20.78 -20.49
C SER A 389 -14.00 -19.83 -21.05
N GLU A 390 -13.93 -18.61 -20.48
CA GLU A 390 -13.16 -17.53 -21.09
C GLU A 390 -11.65 -17.69 -20.88
N ILE A 391 -11.23 -18.28 -19.75
CA ILE A 391 -9.85 -18.19 -19.23
C ILE A 391 -8.83 -18.42 -20.33
N GLN A 392 -7.94 -17.45 -20.53
CA GLN A 392 -6.90 -17.55 -21.53
C GLN A 392 -5.57 -17.89 -20.87
N VAL A 393 -5.15 -17.07 -19.91
CA VAL A 393 -3.86 -17.24 -19.29
C VAL A 393 -4.02 -18.20 -18.11
N GLN A 394 -3.43 -19.39 -18.24
CA GLN A 394 -3.57 -20.37 -17.18
C GLN A 394 -2.68 -19.99 -16.02
N VAL A 395 -3.13 -20.24 -14.81
CA VAL A 395 -2.25 -19.99 -13.67
C VAL A 395 -1.94 -21.32 -13.00
N CYS A 396 -0.75 -21.37 -12.41
CA CYS A 396 -0.27 -22.49 -11.64
C CYS A 396 0.06 -21.99 -10.24
N LEU A 397 -0.24 -22.78 -9.23
CA LEU A 397 -0.13 -22.33 -7.85
C LEU A 397 1.15 -22.90 -7.22
N TYR A 398 1.89 -22.05 -6.51
CA TYR A 398 3.13 -22.42 -5.87
C TYR A 398 2.93 -22.16 -4.37
N ALA A 399 2.62 -23.23 -3.62
CA ALA A 399 2.26 -23.06 -2.22
C ALA A 399 3.52 -23.04 -1.38
N PHE A 400 3.47 -22.26 -0.31
CA PHE A 400 4.66 -22.08 0.50
C PHE A 400 4.29 -21.81 1.94
N ASP A 401 3.01 -21.86 2.29
CA ASP A 401 2.68 -21.76 3.71
C ASP A 401 1.27 -22.26 3.93
N LEU A 402 1.03 -22.72 5.17
CA LEU A 402 -0.25 -23.25 5.63
C LEU A 402 -0.59 -22.60 6.97
N ILE A 403 -1.77 -21.99 7.03
CA ILE A 403 -2.11 -21.09 8.11
C ILE A 403 -3.18 -21.69 9.02
N TYR A 404 -4.01 -22.58 8.49
CA TYR A 404 -5.14 -23.09 9.25
C TYR A 404 -5.56 -24.41 8.61
N LEU A 405 -5.66 -25.48 9.42
CA LEU A 405 -5.94 -26.82 8.91
C LEU A 405 -6.99 -27.51 9.78
N ASN A 406 -8.00 -28.09 9.11
CA ASN A 406 -8.97 -28.98 9.74
C ASN A 406 -9.49 -28.40 11.06
N GLY A 407 -9.90 -27.14 11.00
CA GLY A 407 -10.48 -26.48 12.15
C GLY A 407 -9.51 -25.84 13.13
N GLU A 408 -8.21 -26.08 13.03
CA GLU A 408 -7.28 -25.52 14.00
C GLU A 408 -6.38 -24.45 13.36
N SER A 409 -6.06 -23.43 14.16
CA SER A 409 -5.31 -22.27 13.68
C SER A 409 -3.81 -22.50 13.87
N LEU A 410 -3.07 -22.60 12.76
CA LEU A 410 -1.64 -22.92 12.79
C LEU A 410 -0.74 -21.69 12.97
N VAL A 411 -1.28 -20.58 13.48
CA VAL A 411 -0.51 -19.35 13.53
C VAL A 411 0.69 -19.48 14.47
N ARG A 412 0.46 -19.91 15.72
CA ARG A 412 1.54 -19.99 16.69
C ARG A 412 2.53 -21.12 16.44
N GLU A 413 2.32 -21.89 15.42
CA GLU A 413 3.22 -23.02 15.23
C GLU A 413 4.44 -22.59 14.41
N PRO A 414 5.67 -23.08 14.72
CA PRO A 414 6.80 -22.82 13.82
C PRO A 414 6.57 -23.20 12.36
N LEU A 415 7.40 -22.62 11.50
CA LEU A 415 7.31 -22.88 10.07
C LEU A 415 7.61 -24.34 9.76
N SER A 416 8.68 -24.88 10.36
CA SER A 416 9.03 -26.30 10.28
C SER A 416 7.79 -27.15 10.44
N ARG A 417 6.97 -26.82 11.43
CA ARG A 417 5.70 -27.49 11.63
C ARG A 417 4.78 -27.31 10.42
N ARG A 418 4.37 -26.05 10.16
CA ARG A 418 3.37 -25.77 9.14
C ARG A 418 3.79 -26.27 7.77
N ARG A 419 5.10 -26.29 7.47
CA ARG A 419 5.52 -26.79 6.17
C ARG A 419 5.31 -28.30 6.07
N GLN A 420 5.67 -29.03 7.16
CA GLN A 420 5.35 -30.44 7.28
C GLN A 420 3.87 -30.70 7.02
N LEU A 421 3.00 -30.08 7.83
CA LEU A 421 1.55 -30.21 7.64
C LEU A 421 1.15 -29.95 6.19
N LEU A 422 1.67 -28.89 5.58
CA LEU A 422 1.42 -28.64 4.17
C LEU A 422 1.90 -29.81 3.31
N ARG A 423 3.11 -30.32 3.57
CA ARG A 423 3.67 -31.40 2.75
C ARG A 423 2.94 -32.72 2.97
N GLU A 424 2.47 -32.96 4.22
CA GLU A 424 1.67 -34.15 4.53
C GLU A 424 0.33 -34.14 3.79
N ASN A 425 -0.50 -33.13 4.03
CA ASN A 425 -1.89 -33.16 3.59
C ASN A 425 -2.17 -32.55 2.20
N PHE A 426 -1.17 -32.34 1.34
CA PHE A 426 -1.42 -31.67 0.08
C PHE A 426 -0.59 -32.30 -1.03
N VAL A 427 -1.05 -32.13 -2.28
CA VAL A 427 -0.71 -33.03 -3.39
C VAL A 427 -0.24 -32.25 -4.63
N GLU A 428 1.03 -32.43 -5.00
CA GLU A 428 1.58 -31.70 -6.15
C GLU A 428 1.07 -32.28 -7.45
N THR A 429 0.55 -31.41 -8.31
CA THR A 429 0.11 -31.75 -9.66
C THR A 429 0.83 -30.80 -10.61
N GLU A 430 1.95 -31.26 -11.20
CA GLU A 430 2.88 -30.41 -11.96
C GLU A 430 2.14 -29.47 -12.91
N GLY A 431 2.58 -28.21 -12.95
CA GLY A 431 1.93 -27.21 -13.78
C GLY A 431 0.55 -26.76 -13.34
N GLU A 432 0.11 -27.09 -12.11
CA GLU A 432 -1.20 -26.71 -11.56
C GLU A 432 -1.18 -26.33 -10.07
N PHE A 433 -0.57 -27.15 -9.19
CA PHE A 433 -0.45 -26.81 -7.76
C PHE A 433 0.77 -27.55 -7.20
N VAL A 434 1.91 -26.88 -7.15
CA VAL A 434 3.12 -27.52 -6.66
C VAL A 434 3.67 -26.70 -5.50
N PHE A 435 4.68 -27.27 -4.85
CA PHE A 435 5.29 -26.67 -3.67
C PHE A 435 6.48 -25.80 -4.04
N ALA A 436 6.88 -24.96 -3.09
CA ALA A 436 7.97 -24.01 -3.30
C ALA A 436 9.30 -24.71 -3.25
N THR A 437 10.08 -24.55 -4.32
CA THR A 437 11.44 -25.08 -4.37
C THR A 437 12.19 -24.58 -3.15
N SER A 438 12.56 -25.48 -2.24
CA SER A 438 13.21 -25.08 -0.99
C SER A 438 14.54 -25.82 -0.86
N LEU A 439 15.54 -25.13 -0.31
CA LEU A 439 16.80 -25.76 0.07
C LEU A 439 17.11 -25.40 1.53
N ASP A 440 17.05 -26.40 2.43
CA ASP A 440 17.45 -26.20 3.82
C ASP A 440 18.97 -26.32 3.92
N THR A 441 19.64 -25.29 4.41
CA THR A 441 21.09 -25.24 4.35
C THR A 441 21.60 -24.05 5.15
N LYS A 442 22.90 -24.09 5.44
CA LYS A 442 23.58 -22.93 5.98
C LYS A 442 24.89 -22.65 5.27
N ASP A 443 25.21 -23.42 4.22
CA ASP A 443 26.46 -23.28 3.47
C ASP A 443 26.33 -22.17 2.43
N ILE A 444 27.20 -21.16 2.53
CA ILE A 444 27.08 -19.96 1.70
C ILE A 444 27.22 -20.27 0.21
N GLU A 445 28.05 -21.26 -0.15
CA GLU A 445 28.20 -21.63 -1.55
C GLU A 445 26.91 -22.21 -2.13
N GLN A 446 26.28 -23.14 -1.39
CA GLN A 446 25.01 -23.74 -1.79
C GLN A 446 23.94 -22.67 -1.97
N ILE A 447 23.89 -21.71 -1.04
CA ILE A 447 22.89 -20.64 -1.09
C ILE A 447 23.08 -19.79 -2.34
N ALA A 448 24.33 -19.50 -2.71
CA ALA A 448 24.58 -18.71 -3.90
C ALA A 448 24.28 -19.48 -5.17
N GLU A 449 24.61 -20.77 -5.21
CA GLU A 449 24.27 -21.55 -6.40
C GLU A 449 22.76 -21.61 -6.57
N PHE A 450 22.04 -21.77 -5.44
CA PHE A 450 20.58 -21.79 -5.46
C PHE A 450 20.01 -20.48 -6.00
N LEU A 451 20.51 -19.34 -5.52
CA LEU A 451 20.13 -18.01 -6.02
C LEU A 451 20.21 -17.93 -7.54
N GLU A 452 21.42 -18.15 -8.07
CA GLU A 452 21.60 -18.12 -9.53
C GLU A 452 20.69 -19.12 -10.22
N GLN A 453 20.27 -20.17 -9.51
CA GLN A 453 19.44 -21.20 -10.12
C GLN A 453 17.99 -20.74 -10.28
N SER A 454 17.41 -20.16 -9.20
CA SER A 454 16.08 -19.56 -9.26
C SER A 454 15.95 -18.61 -10.45
N VAL A 455 16.88 -17.66 -10.59
CA VAL A 455 16.80 -16.71 -11.71
C VAL A 455 16.82 -17.44 -13.04
N LYS A 456 17.62 -18.53 -13.14
CA LYS A 456 17.65 -19.37 -14.34
C LYS A 456 16.29 -20.03 -14.59
N ASP A 457 15.54 -20.27 -13.52
CA ASP A 457 14.25 -20.97 -13.55
C ASP A 457 13.07 -20.01 -13.44
N SER A 458 13.24 -18.81 -14.00
CA SER A 458 12.18 -17.79 -14.19
C SER A 458 11.65 -17.26 -12.87
N CYS A 459 12.54 -16.88 -11.95
CA CYS A 459 12.16 -16.32 -10.65
C CYS A 459 13.01 -15.09 -10.33
N GLU A 460 12.66 -14.37 -9.25
CA GLU A 460 13.33 -13.11 -8.90
C GLU A 460 14.48 -13.26 -7.91
N GLY A 461 14.80 -14.46 -7.48
CA GLY A 461 15.67 -14.60 -6.34
C GLY A 461 15.03 -15.44 -5.26
N LEU A 462 15.46 -15.29 -4.00
CA LEU A 462 15.13 -16.25 -2.95
C LEU A 462 14.38 -15.58 -1.83
N MET A 463 13.43 -16.30 -1.24
CA MET A 463 12.91 -15.94 0.07
C MET A 463 13.68 -16.71 1.13
N VAL A 464 13.65 -16.19 2.35
CA VAL A 464 14.48 -16.75 3.41
C VAL A 464 13.67 -16.65 4.68
N LYS A 465 13.42 -17.81 5.31
CA LYS A 465 12.54 -17.84 6.47
C LYS A 465 13.18 -18.74 7.52
N THR A 466 13.15 -18.31 8.78
CA THR A 466 13.62 -19.17 9.85
C THR A 466 12.70 -20.36 9.95
N LEU A 467 13.19 -21.44 10.57
CA LEU A 467 12.38 -22.64 10.77
C LEU A 467 11.81 -22.75 12.18
N ASP A 468 12.52 -22.33 13.22
CA ASP A 468 12.01 -22.63 14.55
C ASP A 468 12.15 -21.46 15.51
N VAL A 469 13.18 -20.67 15.32
CA VAL A 469 13.38 -19.48 16.14
C VAL A 469 12.65 -18.32 15.49
N ASP A 470 11.81 -17.64 16.30
CA ASP A 470 11.01 -16.51 15.85
C ASP A 470 10.45 -16.79 14.44
N ALA A 471 9.85 -18.00 14.26
CA ALA A 471 9.47 -18.51 12.93
C ALA A 471 7.99 -18.86 12.86
N THR A 472 7.14 -18.08 13.54
CA THR A 472 5.70 -18.31 13.47
C THR A 472 5.09 -17.55 12.29
N TYR A 473 3.78 -17.24 12.40
CA TYR A 473 2.97 -16.43 11.48
C TYR A 473 2.19 -15.41 12.29
N GLU A 474 2.84 -14.86 13.31
CA GLU A 474 2.19 -13.87 14.20
C GLU A 474 2.60 -12.47 13.75
N ILE A 475 1.93 -11.99 12.70
CA ILE A 475 2.33 -10.73 12.05
C ILE A 475 2.50 -9.62 13.07
N ALA A 476 1.73 -9.63 14.16
CA ALA A 476 1.80 -8.48 15.07
C ALA A 476 3.13 -8.41 15.84
N LYS A 477 3.82 -9.53 15.97
CA LYS A 477 5.16 -9.48 16.56
C LYS A 477 6.10 -8.73 15.65
N ARG A 478 6.20 -9.15 14.39
CA ARG A 478 7.03 -8.46 13.40
C ARG A 478 6.45 -8.74 12.01
N SER A 479 5.87 -7.73 11.34
CA SER A 479 5.23 -7.97 10.05
C SER A 479 6.23 -8.38 8.97
N HIS A 480 7.42 -7.78 8.97
CA HIS A 480 8.44 -8.07 7.94
C HIS A 480 9.42 -9.16 8.41
N ASN A 481 8.84 -10.31 8.78
CA ASN A 481 9.58 -11.38 9.42
C ASN A 481 10.34 -12.28 8.44
N TRP A 482 10.14 -12.13 7.14
CA TRP A 482 10.86 -12.89 6.12
C TRP A 482 11.91 -12.02 5.46
N LEU A 483 12.91 -12.66 4.83
CA LEU A 483 13.92 -11.97 4.04
C LEU A 483 13.71 -12.26 2.55
N LYS A 484 13.92 -11.25 1.71
CA LYS A 484 13.95 -11.46 0.27
C LYS A 484 15.35 -11.19 -0.25
N LEU A 485 15.96 -12.21 -0.86
CA LEU A 485 17.25 -12.06 -1.50
C LEU A 485 17.01 -11.97 -3.01
N LYS A 486 16.85 -10.73 -3.49
CA LYS A 486 16.60 -10.44 -4.90
C LYS A 486 17.93 -10.33 -5.64
N LYS A 487 17.97 -10.83 -6.87
CA LYS A 487 19.18 -10.71 -7.69
C LYS A 487 19.67 -9.25 -7.80
N ASP A 488 18.77 -8.31 -8.17
CA ASP A 488 19.16 -6.91 -8.35
C ASP A 488 19.52 -6.19 -7.04
N TYR A 489 19.50 -6.86 -5.88
CA TYR A 489 19.94 -6.16 -4.68
C TYR A 489 21.46 -6.04 -4.57
N LEU A 490 22.21 -6.77 -5.38
CA LEU A 490 23.63 -7.03 -5.14
C LEU A 490 24.52 -6.13 -6.00
N ASP A 491 25.20 -5.17 -5.34
CA ASP A 491 26.25 -4.35 -5.98
C ASP A 491 27.09 -5.16 -6.95
N GLY A 492 27.22 -4.65 -8.18
CA GLY A 492 27.96 -5.29 -9.25
C GLY A 492 27.17 -6.26 -10.10
N VAL A 493 26.06 -6.78 -9.56
CA VAL A 493 25.17 -7.69 -10.27
C VAL A 493 23.89 -6.94 -10.58
N GLY A 494 23.57 -6.77 -11.86
CA GLY A 494 22.37 -6.05 -12.20
C GLY A 494 22.39 -5.18 -13.44
N ASP A 495 21.23 -5.16 -14.10
CA ASP A 495 20.96 -4.17 -15.14
C ASP A 495 21.07 -2.78 -14.55
N THR A 496 22.15 -2.03 -14.84
CA THR A 496 22.12 -0.59 -14.67
C THR A 496 22.32 0.07 -16.03
N LEU A 497 21.55 1.12 -16.29
CA LEU A 497 21.54 1.81 -17.58
C LEU A 497 21.92 3.27 -17.36
N ASP A 498 22.56 3.87 -18.36
CA ASP A 498 22.92 5.28 -18.29
C ASP A 498 21.93 6.09 -19.13
N LEU A 499 21.07 6.88 -18.47
CA LEU A 499 19.93 7.54 -19.10
C LEU A 499 20.02 9.06 -19.01
N VAL A 500 19.32 9.71 -19.94
CA VAL A 500 19.35 11.19 -20.09
C VAL A 500 18.06 11.79 -19.55
N VAL A 501 18.21 12.78 -18.68
CA VAL A 501 17.03 13.45 -18.13
C VAL A 501 16.45 14.39 -19.19
N ILE A 502 15.24 14.10 -19.67
CA ILE A 502 14.63 14.92 -20.71
C ILE A 502 13.40 15.67 -20.24
N GLY A 503 13.05 15.60 -18.94
CA GLY A 503 11.82 16.20 -18.44
C GLY A 503 11.73 16.13 -16.92
N ALA A 504 10.96 17.03 -16.29
CA ALA A 504 10.77 17.05 -14.84
C ALA A 504 9.29 17.21 -14.51
N TYR A 505 8.87 16.65 -13.34
CA TYR A 505 7.50 16.70 -12.85
C TYR A 505 7.48 17.32 -11.47
N LEU A 506 6.52 18.18 -11.23
CA LEU A 506 6.46 18.91 -9.96
C LEU A 506 6.05 17.99 -8.82
N GLY A 507 6.76 18.13 -7.71
CA GLY A 507 6.51 17.29 -6.55
C GLY A 507 5.24 17.68 -5.77
N ARG A 508 4.81 16.74 -4.95
CA ARG A 508 3.58 16.83 -4.17
C ARG A 508 3.94 16.44 -2.76
N GLY A 509 3.28 17.00 -1.77
CA GLY A 509 3.52 16.53 -0.40
C GLY A 509 4.95 16.75 0.10
N LYS A 510 5.59 15.61 0.47
CA LYS A 510 6.97 15.66 0.96
C LYS A 510 7.88 16.35 -0.05
N ARG A 511 7.50 16.36 -1.32
CA ARG A 511 8.29 16.93 -2.41
C ARG A 511 7.75 18.27 -2.91
N ALA A 512 6.89 18.93 -2.16
CA ALA A 512 6.36 20.18 -2.67
C ALA A 512 7.51 21.17 -2.83
N GLY A 513 7.40 22.05 -3.83
CA GLY A 513 8.39 23.08 -4.03
C GLY A 513 9.61 22.67 -4.84
N ARG A 514 9.98 21.40 -4.84
CA ARG A 514 10.98 20.94 -5.81
C ARG A 514 10.34 20.03 -6.85
N TYR A 515 11.16 19.13 -7.45
CA TYR A 515 10.70 18.17 -8.46
C TYR A 515 10.57 16.82 -7.83
N GLY A 516 9.47 16.16 -8.08
CA GLY A 516 9.19 14.90 -7.42
C GLY A 516 9.57 13.70 -8.26
N GLY A 517 9.54 13.87 -9.59
CA GLY A 517 9.97 12.84 -10.52
C GLY A 517 10.44 13.45 -11.84
N PHE A 518 11.19 12.62 -12.60
CA PHE A 518 11.87 12.97 -13.83
C PHE A 518 11.51 12.01 -14.97
N LEU A 519 11.65 12.46 -16.23
CA LEU A 519 11.45 11.64 -17.42
C LEU A 519 12.80 11.30 -18.09
N LEU A 520 13.04 10.01 -18.33
CA LEU A 520 14.36 9.55 -18.76
C LEU A 520 14.33 8.94 -20.15
N ALA A 521 15.40 9.16 -20.92
CA ALA A 521 15.43 8.65 -22.28
C ALA A 521 16.75 7.94 -22.58
N SER A 522 16.68 7.03 -23.53
CA SER A 522 17.82 6.41 -24.16
C SER A 522 18.11 7.05 -25.53
N TYR A 523 19.29 6.78 -26.02
CA TYR A 523 19.70 7.31 -27.29
C TYR A 523 19.50 6.33 -28.39
N ASP A 524 18.86 6.76 -29.45
CA ASP A 524 18.69 5.91 -30.62
C ASP A 524 19.55 6.49 -31.75
N GLU A 525 20.63 5.76 -32.10
CA GLU A 525 21.62 6.23 -33.06
C GLU A 525 21.03 6.36 -34.47
N ASP A 526 20.20 5.40 -34.87
CA ASP A 526 19.82 5.30 -36.28
C ASP A 526 18.77 6.32 -36.69
N SER A 527 18.02 6.88 -35.74
CA SER A 527 17.07 7.94 -36.04
C SER A 527 17.47 9.25 -35.39
N GLU A 528 18.66 9.28 -34.78
CA GLU A 528 19.23 10.47 -34.17
C GLU A 528 18.17 11.16 -33.31
N GLU A 529 17.78 10.46 -32.23
CA GLU A 529 16.62 10.76 -31.41
C GLU A 529 16.81 10.22 -30.01
N LEU A 530 16.50 11.03 -28.99
CA LEU A 530 16.33 10.53 -27.63
C LEU A 530 14.90 10.04 -27.47
N GLN A 531 14.73 8.80 -26.97
CA GLN A 531 13.40 8.19 -26.80
C GLN A 531 13.14 7.84 -25.35
N ALA A 532 12.02 8.36 -24.82
CA ALA A 532 11.61 8.13 -23.44
C ALA A 532 11.52 6.64 -23.09
N ILE A 533 12.14 6.27 -21.98
CA ILE A 533 12.17 4.89 -21.58
C ILE A 533 11.34 4.64 -20.33
N CYS A 534 11.16 5.63 -19.46
CA CYS A 534 10.60 5.40 -18.14
C CYS A 534 10.72 6.70 -17.34
N LYS A 535 9.92 6.80 -16.26
CA LYS A 535 10.00 7.86 -15.27
C LYS A 535 10.83 7.39 -14.07
N LEU A 536 11.39 8.35 -13.32
CA LEU A 536 12.26 8.02 -12.20
C LEU A 536 11.86 8.87 -11.01
N GLY A 537 11.70 8.22 -9.84
CA GLY A 537 11.33 9.01 -8.67
C GLY A 537 11.74 8.50 -7.31
N THR A 538 12.57 7.47 -7.26
CA THR A 538 13.12 7.00 -6.00
C THR A 538 14.61 6.83 -6.17
N GLY A 539 15.35 6.83 -5.06
CA GLY A 539 16.75 6.51 -5.05
C GLY A 539 17.65 7.67 -4.67
N PHE A 540 17.13 8.88 -4.68
CA PHE A 540 17.96 10.01 -4.29
C PHE A 540 17.67 10.40 -2.86
N SER A 541 18.69 10.96 -2.22
CA SER A 541 18.53 11.53 -0.91
C SER A 541 17.78 12.85 -1.01
N ASP A 542 17.35 13.38 0.13
CA ASP A 542 16.74 14.69 0.12
C ASP A 542 17.68 15.76 -0.43
N GLU A 543 18.97 15.66 -0.09
CA GLU A 543 19.96 16.62 -0.57
C GLU A 543 20.15 16.46 -2.07
N GLU A 544 20.46 15.23 -2.52
CA GLU A 544 20.57 14.95 -3.95
C GLU A 544 19.38 15.50 -4.73
N LEU A 545 18.16 15.29 -4.22
CA LEU A 545 16.96 15.73 -4.92
C LEU A 545 16.88 17.24 -5.00
N GLU A 546 17.56 17.94 -4.08
CA GLU A 546 17.57 19.39 -4.05
C GLU A 546 18.61 19.91 -5.02
N GLU A 547 19.81 19.33 -4.96
CA GLU A 547 20.83 19.63 -5.96
C GLU A 547 20.24 19.51 -7.36
N HIS A 548 19.46 18.44 -7.61
CA HIS A 548 18.80 18.24 -8.91
C HIS A 548 17.80 19.34 -9.24
N HIS A 549 17.15 19.90 -8.23
CA HIS A 549 16.18 20.95 -8.52
C HIS A 549 16.89 22.21 -8.98
N GLN A 550 18.00 22.55 -8.33
CA GLN A 550 18.68 23.77 -8.72
C GLN A 550 19.43 23.56 -10.03
N SER A 551 20.20 22.47 -10.14
CA SER A 551 21.02 22.33 -11.34
C SER A 551 20.16 22.18 -12.59
N LEU A 552 18.99 21.55 -12.51
CA LEU A 552 18.16 21.32 -13.69
C LEU A 552 17.18 22.45 -13.98
N LYS A 553 17.09 23.45 -13.10
CA LYS A 553 16.20 24.59 -13.34
C LYS A 553 16.80 25.55 -14.36
N ALA A 554 18.13 25.67 -14.35
CA ALA A 554 18.87 26.39 -15.40
C ALA A 554 18.45 25.98 -16.81
N LEU A 555 18.02 24.72 -16.99
CA LEU A 555 17.86 24.15 -18.33
C LEU A 555 16.39 23.99 -18.73
N VAL A 556 15.46 24.56 -17.95
CA VAL A 556 14.04 24.49 -18.31
C VAL A 556 13.85 25.08 -19.67
N LEU A 557 13.13 24.39 -20.50
CA LEU A 557 12.92 24.89 -21.84
C LEU A 557 11.44 25.12 -22.09
N PRO A 558 11.10 26.14 -22.88
CA PRO A 558 9.67 26.39 -23.17
C PRO A 558 9.00 25.26 -23.88
N SER A 559 9.75 24.48 -24.68
CA SER A 559 9.22 23.41 -25.53
C SER A 559 10.31 22.36 -25.73
N PRO A 560 9.95 21.17 -26.26
CA PRO A 560 10.97 20.12 -26.41
C PRO A 560 11.82 20.27 -27.66
N ARG A 561 13.13 19.94 -27.52
CA ARG A 561 14.03 19.71 -28.64
C ARG A 561 13.32 18.91 -29.73
N PRO A 562 13.59 19.21 -31.00
CA PRO A 562 12.97 18.44 -32.08
C PRO A 562 13.32 16.96 -32.05
N TYR A 563 14.47 16.60 -31.47
CA TYR A 563 14.94 15.21 -31.49
C TYR A 563 14.45 14.37 -30.30
N VAL A 564 13.60 14.92 -29.39
CA VAL A 564 13.09 14.20 -28.22
C VAL A 564 11.78 13.52 -28.60
N ARG A 565 11.61 12.27 -28.15
CA ARG A 565 10.49 11.45 -28.60
C ARG A 565 9.90 10.78 -27.37
N ILE A 566 8.72 11.18 -26.94
CA ILE A 566 8.18 10.50 -25.77
C ILE A 566 6.96 9.65 -26.10
N ASP A 567 6.38 9.87 -27.28
CA ASP A 567 5.11 9.24 -27.66
C ASP A 567 4.13 9.26 -26.51
N GLY A 568 3.69 8.09 -26.04
CA GLY A 568 2.58 8.01 -25.09
C GLY A 568 2.82 8.60 -23.70
N ALA A 569 4.07 8.73 -23.26
CA ALA A 569 4.37 9.07 -21.87
C ALA A 569 3.69 10.38 -21.49
N VAL A 570 3.56 10.55 -20.16
CA VAL A 570 3.06 11.79 -19.55
C VAL A 570 3.97 12.96 -19.92
N ILE A 571 3.39 13.98 -20.54
CA ILE A 571 4.14 15.19 -20.92
C ILE A 571 4.76 15.78 -19.66
N PRO A 572 6.07 16.00 -19.59
CA PRO A 572 6.65 16.61 -18.37
C PRO A 572 6.04 17.97 -18.05
N ASP A 573 6.29 18.45 -16.82
CA ASP A 573 5.86 19.80 -16.48
C ASP A 573 6.89 20.80 -16.98
N HIS A 574 8.16 20.46 -16.83
CA HIS A 574 9.25 21.25 -17.39
C HIS A 574 9.96 20.38 -18.41
N TRP A 575 10.06 20.86 -19.64
CA TRP A 575 10.97 20.20 -20.55
C TRP A 575 12.37 20.65 -20.19
N LEU A 576 13.33 19.73 -20.33
CA LEU A 576 14.73 20.05 -20.04
C LEU A 576 15.60 19.92 -21.28
N ASP A 577 16.58 20.81 -21.38
CA ASP A 577 17.68 20.65 -22.34
C ASP A 577 18.43 19.35 -22.05
N PRO A 578 18.42 18.40 -22.98
CA PRO A 578 19.04 17.10 -22.71
C PRO A 578 20.54 17.21 -22.50
N SER A 579 20.99 17.17 -21.25
CA SER A 579 22.40 17.31 -20.92
C SER A 579 22.82 16.28 -19.85
N ALA A 580 21.95 16.10 -18.84
CA ALA A 580 22.28 15.38 -17.63
C ALA A 580 22.12 13.88 -17.84
N VAL A 581 23.10 13.13 -17.36
CA VAL A 581 23.12 11.68 -17.51
C VAL A 581 23.23 11.05 -16.14
N TRP A 582 22.32 10.10 -15.84
CA TRP A 582 22.17 9.53 -14.51
C TRP A 582 22.34 8.02 -14.59
N GLU A 583 22.96 7.42 -13.58
CA GLU A 583 23.02 5.96 -13.56
C GLU A 583 21.74 5.44 -12.90
N VAL A 584 21.15 4.41 -13.49
CA VAL A 584 19.80 3.98 -13.14
C VAL A 584 19.76 2.46 -13.11
N LYS A 585 19.30 1.88 -11.99
CA LYS A 585 19.18 0.43 -11.82
C LYS A 585 17.71 0.00 -11.81
N CYS A 586 17.45 -1.19 -12.35
CA CYS A 586 16.09 -1.71 -12.37
C CYS A 586 16.11 -3.23 -12.19
N ALA A 587 14.93 -3.79 -11.93
CA ALA A 587 14.76 -5.21 -11.63
C ALA A 587 14.47 -6.04 -12.86
N ASP A 588 13.81 -5.46 -13.83
CA ASP A 588 13.42 -6.16 -15.04
C ASP A 588 13.27 -5.12 -16.13
N LEU A 589 13.03 -5.59 -17.34
CA LEU A 589 12.70 -4.73 -18.45
C LEU A 589 11.42 -5.28 -19.04
N SER A 590 10.54 -4.40 -19.49
CA SER A 590 9.19 -4.77 -19.87
C SER A 590 8.84 -4.21 -21.24
N LEU A 591 7.85 -4.84 -21.84
CA LEU A 591 7.35 -4.42 -23.14
C LEU A 591 6.30 -3.34 -22.94
N SER A 592 6.50 -2.14 -23.57
CA SER A 592 5.65 -1.08 -23.01
C SER A 592 4.52 -0.67 -23.95
N PRO A 593 3.32 -0.44 -23.42
CA PRO A 593 2.26 0.16 -24.23
C PRO A 593 2.41 1.65 -24.44
N ILE A 594 3.39 2.30 -23.81
CA ILE A 594 3.43 3.75 -23.72
C ILE A 594 4.74 4.32 -24.26
N TYR A 595 5.87 3.67 -23.95
CA TYR A 595 7.20 4.23 -24.16
C TYR A 595 7.74 3.83 -25.53
N PRO A 596 8.47 4.77 -26.15
CA PRO A 596 9.01 4.55 -27.48
C PRO A 596 10.45 4.04 -27.53
N ALA A 597 11.17 4.02 -26.40
CA ALA A 597 12.53 3.50 -26.35
C ALA A 597 12.57 2.13 -26.99
N ALA A 598 13.29 2.03 -28.12
CA ALA A 598 13.64 0.81 -28.82
C ALA A 598 12.46 0.19 -29.57
N ARG A 599 11.36 0.93 -29.79
CA ARG A 599 10.22 0.37 -30.53
C ARG A 599 10.69 -0.23 -31.85
N GLY A 600 10.15 -1.41 -32.19
CA GLY A 600 10.43 -2.05 -33.45
C GLY A 600 11.63 -2.99 -33.43
N LEU A 601 12.42 -3.00 -32.35
CA LEU A 601 13.57 -3.88 -32.25
C LEU A 601 13.25 -5.20 -31.57
N VAL A 602 12.19 -5.27 -30.76
CA VAL A 602 11.76 -6.57 -30.23
C VAL A 602 10.28 -6.82 -30.47
N ASP A 603 9.51 -5.80 -30.80
CA ASP A 603 8.10 -5.95 -31.09
C ASP A 603 7.82 -4.87 -32.11
N SER A 604 7.04 -5.20 -33.14
CA SER A 604 6.83 -4.25 -34.22
C SER A 604 6.15 -3.00 -33.69
N ASP A 605 5.26 -3.18 -32.72
CA ASP A 605 4.40 -2.12 -32.19
C ASP A 605 4.93 -1.50 -30.90
N LYS A 606 5.35 -2.32 -29.94
CA LYS A 606 5.60 -1.87 -28.59
C LYS A 606 7.08 -1.52 -28.40
N GLY A 607 7.34 -0.55 -27.50
CA GLY A 607 8.68 -0.23 -27.06
C GLY A 607 9.03 -0.98 -25.78
N ILE A 608 10.15 -0.59 -25.17
CA ILE A 608 10.64 -1.22 -23.95
C ILE A 608 10.70 -0.21 -22.81
N SER A 609 10.33 -0.64 -21.59
CA SER A 609 10.43 0.21 -20.41
C SER A 609 11.24 -0.48 -19.31
N LEU A 610 11.35 0.16 -18.16
CA LEU A 610 12.05 -0.42 -17.02
C LEU A 610 11.07 -0.66 -15.88
N ARG A 611 11.22 -1.82 -15.23
CA ARG A 611 10.41 -2.19 -14.06
C ARG A 611 11.17 -1.82 -12.80
N PHE A 612 10.49 -1.16 -11.87
CA PHE A 612 11.10 -0.72 -10.61
C PHE A 612 12.38 0.10 -10.80
N PRO A 613 12.37 1.19 -11.59
CA PRO A 613 13.59 2.01 -11.76
C PRO A 613 13.96 2.79 -10.49
N ARG A 614 15.27 2.91 -10.22
CA ARG A 614 15.77 3.76 -9.13
C ARG A 614 17.08 4.47 -9.50
N PHE A 615 17.18 5.72 -9.05
CA PHE A 615 18.37 6.55 -9.26
C PHE A 615 19.55 6.04 -8.44
N ILE A 616 20.72 5.91 -9.08
CA ILE A 616 21.93 5.47 -8.39
C ILE A 616 22.85 6.64 -8.10
N ARG A 617 23.24 7.39 -9.14
CA ARG A 617 24.17 8.52 -9.03
C ARG A 617 24.27 9.24 -10.37
N VAL A 618 24.91 10.39 -10.36
CA VAL A 618 25.12 11.21 -11.54
C VAL A 618 26.30 10.67 -12.34
N ARG A 619 26.16 10.63 -13.66
CA ARG A 619 27.31 10.38 -14.54
C ARG A 619 27.84 11.72 -15.04
N GLU A 620 28.59 12.41 -14.15
CA GLU A 620 29.22 13.70 -14.49
C GLU A 620 30.17 13.57 -15.69
N ASP A 621 30.80 12.42 -15.85
CA ASP A 621 31.75 12.18 -16.91
C ASP A 621 31.12 11.77 -18.24
N LYS A 622 29.78 11.79 -18.39
CA LYS A 622 29.16 11.31 -19.61
C LYS A 622 28.20 12.35 -20.17
N GLN A 623 27.97 12.24 -21.47
CA GLN A 623 27.25 13.17 -22.33
C GLN A 623 26.07 12.44 -22.93
N PRO A 624 24.98 13.17 -23.29
CA PRO A 624 23.81 12.48 -23.90
C PRO A 624 24.19 11.50 -25.00
N GLU A 625 25.17 11.84 -25.83
CA GLU A 625 25.64 10.91 -26.84
C GLU A 625 26.09 9.60 -26.20
N GLN A 626 26.80 9.69 -25.07
CA GLN A 626 27.44 8.55 -24.41
C GLN A 626 26.44 7.71 -23.59
N ALA A 627 25.14 7.89 -23.81
CA ALA A 627 24.12 7.22 -23.01
C ALA A 627 23.87 5.81 -23.55
N THR A 628 23.23 4.99 -22.70
CA THR A 628 22.81 3.67 -23.16
C THR A 628 21.95 3.86 -24.39
N THR A 629 22.05 2.94 -25.35
CA THR A 629 21.38 3.16 -26.62
C THR A 629 20.18 2.22 -26.70
N SER A 630 19.14 2.66 -27.42
CA SER A 630 17.96 1.81 -27.59
C SER A 630 18.33 0.43 -28.11
N ALA A 631 19.38 0.37 -28.96
CA ALA A 631 19.97 -0.91 -29.34
C ALA A 631 20.38 -1.71 -28.11
N GLN A 632 21.14 -1.10 -27.21
CA GLN A 632 21.57 -1.80 -26.00
C GLN A 632 20.36 -2.18 -25.14
N VAL A 633 19.36 -1.30 -25.06
CA VAL A 633 18.11 -1.59 -24.35
C VAL A 633 17.44 -2.82 -24.96
N ALA A 634 17.55 -3.01 -26.28
CA ALA A 634 16.94 -4.20 -26.88
C ALA A 634 17.79 -5.43 -26.57
N CYS A 635 19.10 -5.28 -26.53
CA CYS A 635 19.96 -6.39 -26.11
CA CYS A 635 19.95 -6.40 -26.12
C CYS A 635 19.63 -6.81 -24.68
N LEU A 636 19.68 -5.85 -23.73
CA LEU A 636 19.35 -6.16 -22.33
C LEU A 636 18.04 -6.91 -22.22
N TYR A 637 17.00 -6.46 -22.93
CA TYR A 637 15.70 -7.12 -22.86
C TYR A 637 15.77 -8.57 -23.31
N ARG A 638 16.44 -8.84 -24.45
CA ARG A 638 16.42 -10.18 -25.04
C ARG A 638 17.04 -11.20 -24.10
N LYS A 639 18.12 -10.84 -23.41
CA LYS A 639 18.87 -11.75 -22.58
C LYS A 639 18.20 -12.02 -21.23
N GLN A 640 16.97 -11.59 -21.04
CA GLN A 640 16.34 -11.77 -19.73
C GLN A 640 15.95 -13.23 -19.59
N SER A 641 16.38 -13.84 -18.48
CA SER A 641 16.15 -15.26 -18.20
C SER A 641 14.75 -15.70 -18.59
N GLN A 642 13.73 -15.04 -18.02
CA GLN A 642 12.33 -15.35 -18.31
C GLN A 642 12.01 -15.26 -19.81
N ILE A 643 12.77 -14.45 -20.54
CA ILE A 643 12.49 -14.12 -21.94
C ILE A 643 13.12 -15.15 -22.89
N GLN A 644 14.37 -15.53 -22.58
CA GLN A 644 15.05 -16.58 -23.33
C GLN A 644 14.30 -17.91 -23.27
N ASN A 645 13.51 -18.13 -22.23
CA ASN A 645 12.70 -19.34 -22.09
C ASN A 645 11.46 -19.30 -22.99
N GLN A 646 11.21 -18.19 -23.69
CA GLN A 646 10.32 -18.15 -24.85
C GLN A 646 11.12 -18.31 -26.15
P AMP E . 8.00 -8.40 -1.84
O1P AMP E . 8.75 -7.68 -2.92
O2P AMP E . 7.62 -7.91 -0.44
O5' AMP E . 7.60 -9.89 -2.25
C5' AMP E . 6.80 -10.69 -1.39
C4' AMP E . 5.85 -11.52 -2.23
O4' AMP E . 6.57 -12.53 -2.95
C3' AMP E . 4.79 -12.28 -1.47
O3' AMP E . 3.70 -11.43 -1.10
C2' AMP E . 4.43 -13.43 -2.44
O2' AMP E . 3.36 -13.10 -3.32
C1' AMP E . 5.67 -13.57 -3.30
N9 AMP E . 6.37 -14.86 -3.15
C8 AMP E . 6.91 -15.57 -4.17
N7 AMP E . 7.52 -16.69 -3.73
C5 AMP E . 7.39 -16.73 -2.39
C6 AMP E . 7.79 -17.65 -1.30
N6 AMP E . 8.49 -18.79 -1.52
N1 AMP E . 7.43 -17.30 -0.04
C2 AMP E . 6.75 -16.17 0.22
N3 AMP E . 6.35 -15.30 -0.72
C4 AMP E . 6.63 -15.53 -2.01
#